data_6QIX
#
_entry.id   6QIX
#
_cell.length_a   47.682
_cell.length_b   164.834
_cell.length_c   61.169
_cell.angle_alpha   90.000
_cell.angle_beta   110.370
_cell.angle_gamma   90.000
#
_symmetry.space_group_name_H-M   'P 1 21 1'
#
loop_
_entity.id
_entity.type
_entity.pdbx_description
1 polymer P43
2 non-polymer 2-acetamido-2-deoxy-beta-D-glucopyranose
3 non-polymer 'ACETATE ION'
4 non-polymer 'HEXAETHYLENE GLYCOL'
5 non-polymer 'CALCIUM ION'
6 non-polymer DI(HYDROXYETHYL)ETHER
7 water water
#
_entity_poly.entity_id   1
_entity_poly.type   'polypeptide(L)'
_entity_poly.pdbx_seq_one_letter_code
;MLVLFFPLLLTVGLSTAGHVKCPDFGDWKPWTDCLWYPPQHMYSKLSHACGMHAHRNLTGVMDLPHGHKTPPPCGHCSFK
FRCRRRPNTEGCYPLDGEVEVCHDHSDICTLPKLPHLGCGYAFINEKLKQCFTRPDTPSYVRLGYRKMFESIPKKHCIEK
DGMCKCCCGDYEPNESGTECIKPPAHDCPAYGPPSEWSECLWFPLKNIVSHVYDHCHVHKEPDGYEPHSVAPANVHIPEK
CGFCSFRVKCMKRDKKDGCFPLKLGKKSCGKDDCPTCGDICTLDKINGSCAFPRVMKEKIWDDFTATSKEKHMPHWKRDG
YAKMLMQLPYSNCKEVGDKCKCCCHPYEPNKDGTACVVKEYCKRVHELHHHDHHGHGEEHHKSSSSESKEHHHH
;
_entity_poly.pdbx_strand_id   A,B
#
# COMPACT_ATOMS: atom_id res chain seq x y z
N CYS A 22 -6.52 13.49 -17.58
CA CYS A 22 -6.74 12.37 -18.48
C CYS A 22 -7.37 12.84 -19.80
N PRO A 23 -7.14 12.11 -20.88
CA PRO A 23 -7.88 12.39 -22.12
C PRO A 23 -9.36 12.05 -21.99
N ASP A 24 -10.17 12.71 -22.78
CA ASP A 24 -11.61 12.44 -22.74
C ASP A 24 -11.92 11.16 -23.54
N PHE A 25 -13.09 10.60 -23.28
CA PHE A 25 -13.48 9.35 -23.93
C PHE A 25 -13.84 9.59 -25.39
N GLY A 26 -13.73 8.51 -26.19
CA GLY A 26 -14.12 8.49 -27.58
C GLY A 26 -15.61 8.41 -27.81
N ASP A 27 -16.35 8.32 -26.73
CA ASP A 27 -17.80 8.30 -26.76
C ASP A 27 -18.45 7.29 -27.71
N TRP A 28 -19.75 7.42 -27.86
CA TRP A 28 -20.62 6.30 -27.56
C TRP A 28 -20.73 5.28 -28.69
N LYS A 29 -20.49 4.02 -28.34
CA LYS A 29 -20.91 2.89 -29.15
C LYS A 29 -22.42 2.78 -29.01
N PRO A 30 -23.07 1.95 -29.83
CA PRO A 30 -24.54 1.93 -29.81
C PRO A 30 -25.10 1.35 -28.52
N TRP A 31 -26.28 1.86 -28.16
CA TRP A 31 -27.06 1.29 -27.07
C TRP A 31 -27.38 -0.17 -27.34
N THR A 32 -27.35 -0.99 -26.29
CA THR A 32 -27.79 -2.36 -26.42
C THR A 32 -29.31 -2.43 -26.51
N ASP A 33 -29.81 -3.63 -26.74
CA ASP A 33 -31.21 -3.96 -26.43
C ASP A 33 -31.42 -3.94 -24.91
N CYS A 34 -32.68 -4.06 -24.49
CA CYS A 34 -32.94 -4.24 -23.06
C CYS A 34 -32.30 -5.54 -22.58
N LEU A 35 -31.46 -5.45 -21.55
CA LEU A 35 -30.63 -6.58 -21.13
C LEU A 35 -31.27 -7.35 -19.99
N TRP A 36 -30.90 -8.62 -19.86
CA TRP A 36 -31.48 -9.46 -18.84
C TRP A 36 -30.51 -10.57 -18.44
N TYR A 37 -30.92 -11.34 -17.45
CA TYR A 37 -30.14 -12.40 -16.84
C TYR A 37 -30.27 -13.67 -17.68
N PRO A 38 -29.47 -14.70 -17.38
CA PRO A 38 -28.52 -14.84 -16.27
C PRO A 38 -27.27 -13.94 -16.29
N PRO A 39 -26.58 -13.88 -15.14
CA PRO A 39 -25.42 -12.95 -15.02
C PRO A 39 -24.41 -13.10 -16.13
N GLN A 40 -24.05 -14.33 -16.46
CA GLN A 40 -23.07 -14.54 -17.54
C GLN A 40 -23.55 -13.89 -18.84
N HIS A 41 -24.83 -14.05 -19.17
CA HIS A 41 -25.35 -13.46 -20.40
C HIS A 41 -25.34 -11.94 -20.33
N MET A 42 -25.76 -11.36 -19.20
CA MET A 42 -25.75 -9.91 -19.08
C MET A 42 -24.32 -9.37 -19.13
N TYR A 43 -23.39 -10.04 -18.42
CA TYR A 43 -21.98 -9.63 -18.51
C TYR A 43 -21.47 -9.71 -19.94
N SER A 44 -21.86 -10.77 -20.68
CA SER A 44 -21.42 -10.92 -22.06
C SER A 44 -21.87 -9.74 -22.91
N LYS A 45 -23.12 -9.31 -22.75
CA LYS A 45 -23.64 -8.22 -23.54
C LYS A 45 -23.00 -6.90 -23.13
N LEU A 46 -22.79 -6.69 -21.82
CA LEU A 46 -22.10 -5.49 -21.36
C LEU A 46 -20.69 -5.40 -21.94
N SER A 47 -19.98 -6.52 -21.92
CA SER A 47 -18.61 -6.55 -22.43
C SER A 47 -18.60 -6.29 -23.92
N HIS A 48 -19.48 -6.95 -24.67
CA HIS A 48 -19.55 -6.70 -26.11
C HIS A 48 -19.89 -5.24 -26.40
N ALA A 49 -20.75 -4.64 -25.57
CA ALA A 49 -21.13 -3.24 -25.75
C ALA A 49 -19.92 -2.32 -25.68
N CYS A 50 -18.95 -2.66 -24.84
CA CYS A 50 -17.70 -1.91 -24.77
C CYS A 50 -16.69 -2.35 -25.82
N GLY A 51 -17.06 -3.26 -26.71
CA GLY A 51 -16.14 -3.72 -27.73
C GLY A 51 -15.07 -4.65 -27.22
N MET A 52 -15.41 -5.54 -26.29
CA MET A 52 -14.43 -6.42 -25.68
C MET A 52 -14.99 -7.83 -25.60
N HIS A 53 -14.11 -8.81 -25.77
CA HIS A 53 -14.47 -10.20 -25.54
C HIS A 53 -14.89 -10.41 -24.09
N ALA A 54 -15.81 -11.36 -23.89
CA ALA A 54 -16.28 -11.70 -22.55
C ALA A 54 -15.41 -12.83 -22.05
N HIS A 55 -14.31 -12.48 -21.37
CA HIS A 55 -13.31 -13.47 -20.98
C HIS A 55 -13.58 -14.11 -19.62
N ARG A 56 -14.36 -13.46 -18.76
CA ARG A 56 -14.66 -14.05 -17.46
C ARG A 56 -15.74 -15.12 -17.62
N ASN A 57 -15.66 -16.14 -16.76
CA ASN A 57 -16.74 -17.12 -16.64
C ASN A 57 -17.41 -16.90 -15.28
N LEU A 58 -18.60 -16.28 -15.29
CA LEU A 58 -19.30 -16.01 -14.05
C LEU A 58 -20.33 -17.08 -13.71
N THR A 59 -20.48 -18.09 -14.54
CA THR A 59 -21.44 -19.14 -14.26
C THR A 59 -21.14 -19.76 -12.90
N GLY A 60 -22.17 -19.90 -12.07
CA GLY A 60 -22.00 -20.51 -10.77
C GLY A 60 -21.64 -19.55 -9.65
N VAL A 61 -21.29 -18.31 -9.99
CA VAL A 61 -20.90 -17.36 -8.97
C VAL A 61 -22.11 -16.73 -8.29
N MET A 62 -23.15 -16.43 -9.06
N MET A 62 -23.13 -16.37 -9.05
CA MET A 62 -24.30 -15.69 -8.55
CA MET A 62 -24.31 -15.76 -8.43
C MET A 62 -25.59 -16.16 -9.22
C MET A 62 -25.55 -16.16 -9.24
N ASP A 63 -25.69 -17.46 -9.49
CA ASP A 63 -26.87 -17.96 -10.18
C ASP A 63 -27.99 -18.23 -9.17
N LEU A 64 -29.21 -18.43 -9.70
CA LEU A 64 -30.32 -18.82 -8.86
C LEU A 64 -30.11 -20.24 -8.34
N PRO A 65 -30.70 -20.56 -7.19
CA PRO A 65 -30.47 -21.89 -6.61
C PRO A 65 -30.90 -22.99 -7.57
N HIS A 66 -30.19 -24.11 -7.49
CA HIS A 66 -30.35 -25.21 -8.45
C HIS A 66 -31.83 -25.48 -8.72
N GLY A 67 -32.15 -25.59 -10.00
CA GLY A 67 -33.49 -25.94 -10.40
C GLY A 67 -34.41 -24.78 -10.68
N HIS A 68 -33.97 -23.54 -10.45
CA HIS A 68 -34.86 -22.41 -10.60
C HIS A 68 -34.58 -21.69 -11.91
N LYS A 69 -35.64 -21.52 -12.70
CA LYS A 69 -35.59 -20.82 -13.96
C LYS A 69 -35.54 -19.32 -13.72
N THR A 70 -34.84 -18.60 -14.59
CA THR A 70 -34.82 -17.16 -14.45
C THR A 70 -36.07 -16.58 -15.09
N PRO A 71 -36.83 -15.76 -14.39
CA PRO A 71 -38.09 -15.25 -14.96
C PRO A 71 -37.81 -14.24 -16.05
N PRO A 72 -38.81 -13.88 -16.85
CA PRO A 72 -38.59 -12.90 -17.94
C PRO A 72 -38.38 -11.51 -17.38
N PRO A 73 -37.86 -10.58 -18.20
CA PRO A 73 -37.65 -9.21 -17.74
C PRO A 73 -38.81 -8.67 -16.92
N CYS A 74 -38.49 -8.10 -15.76
CA CYS A 74 -39.49 -7.76 -14.76
C CYS A 74 -38.96 -6.58 -13.92
N GLY A 75 -39.90 -5.90 -13.24
CA GLY A 75 -39.58 -5.14 -12.03
C GLY A 75 -38.95 -3.79 -12.22
N HIS A 76 -38.94 -3.27 -13.45
CA HIS A 76 -38.09 -2.12 -13.80
C HIS A 76 -36.60 -2.45 -13.61
N CYS A 77 -36.25 -3.74 -13.69
CA CYS A 77 -34.88 -4.20 -13.48
C CYS A 77 -34.09 -4.42 -14.78
N SER A 78 -34.77 -4.48 -15.91
CA SER A 78 -34.11 -4.57 -17.21
C SER A 78 -33.70 -3.17 -17.68
N PHE A 79 -32.60 -3.14 -18.44
CA PHE A 79 -32.02 -1.85 -18.81
C PHE A 79 -31.18 -1.98 -20.07
N LYS A 80 -31.06 -0.88 -20.79
CA LYS A 80 -30.12 -0.73 -21.89
C LYS A 80 -28.85 -0.10 -21.36
N PHE A 81 -27.74 -0.36 -22.07
CA PHE A 81 -26.40 0.11 -21.72
C PHE A 81 -25.68 0.61 -22.96
N ARG A 82 -24.81 1.59 -22.77
CA ARG A 82 -23.88 1.99 -23.82
C ARG A 82 -22.57 2.39 -23.17
N CYS A 83 -21.51 2.36 -23.96
CA CYS A 83 -20.15 2.42 -23.45
C CYS A 83 -19.29 3.33 -24.32
N ARG A 84 -18.27 3.90 -23.70
CA ARG A 84 -17.27 4.64 -24.44
C ARG A 84 -15.90 4.32 -23.85
N ARG A 85 -14.85 4.57 -24.63
CA ARG A 85 -13.54 4.03 -24.35
C ARG A 85 -12.46 5.08 -24.49
N ARG A 86 -11.39 4.90 -23.73
CA ARG A 86 -10.16 5.66 -23.92
C ARG A 86 -9.00 4.78 -23.51
N PRO A 87 -7.77 5.17 -23.84
CA PRO A 87 -6.60 4.39 -23.40
C PRO A 87 -6.53 4.23 -21.88
N ASN A 88 -6.11 3.05 -21.45
CA ASN A 88 -5.93 2.79 -20.01
C ASN A 88 -4.60 3.40 -19.58
N THR A 89 -4.68 4.54 -18.92
CA THR A 89 -3.51 5.24 -18.41
C THR A 89 -3.57 5.24 -16.89
N GLU A 90 -2.40 5.32 -16.25
CA GLU A 90 -2.36 5.46 -14.80
C GLU A 90 -3.24 6.63 -14.37
N GLY A 91 -4.25 6.32 -13.55
CA GLY A 91 -5.22 7.30 -13.12
C GLY A 91 -6.36 7.51 -14.06
N CYS A 92 -6.34 6.90 -15.24
CA CYS A 92 -7.38 7.09 -16.25
C CYS A 92 -8.02 5.75 -16.58
N TYR A 93 -9.16 5.49 -15.95
CA TYR A 93 -9.92 4.27 -16.19
C TYR A 93 -10.36 4.25 -17.66
N PRO A 94 -10.25 3.09 -18.33
CA PRO A 94 -10.46 3.10 -19.79
C PRO A 94 -11.90 3.14 -20.26
N LEU A 95 -12.88 2.86 -19.41
CA LEU A 95 -14.25 2.69 -19.86
C LEU A 95 -15.20 3.65 -19.15
N ASP A 96 -16.34 3.88 -19.80
CA ASP A 96 -17.37 4.73 -19.22
C ASP A 96 -18.73 4.32 -19.77
N GLY A 97 -19.69 4.12 -18.86
CA GLY A 97 -21.00 3.59 -19.23
C GLY A 97 -22.19 4.48 -18.93
N GLU A 98 -23.31 4.19 -19.59
CA GLU A 98 -24.58 4.85 -19.35
C GLU A 98 -25.68 3.80 -19.33
N VAL A 99 -26.65 3.97 -18.42
CA VAL A 99 -27.74 3.02 -18.25
C VAL A 99 -29.09 3.75 -18.41
N GLU A 100 -30.01 3.11 -19.12
CA GLU A 100 -31.38 3.59 -19.26
C GLU A 100 -32.31 2.44 -18.94
N VAL A 101 -33.13 2.61 -17.91
CA VAL A 101 -34.02 1.55 -17.49
C VAL A 101 -35.11 1.34 -18.55
N CYS A 102 -35.48 0.09 -18.74
CA CYS A 102 -36.57 -0.29 -19.63
C CYS A 102 -37.83 -0.45 -18.77
N HIS A 103 -38.59 0.65 -18.61
CA HIS A 103 -39.78 0.62 -17.78
C HIS A 103 -40.96 -0.10 -18.43
N ASP A 104 -40.87 -0.46 -19.70
CA ASP A 104 -41.92 -1.30 -20.28
C ASP A 104 -42.05 -2.63 -19.54
N HIS A 105 -40.95 -3.15 -19.02
CA HIS A 105 -41.01 -4.44 -18.32
C HIS A 105 -41.17 -4.15 -16.84
N SER A 106 -42.43 -3.97 -16.43
CA SER A 106 -42.77 -3.37 -15.16
C SER A 106 -43.48 -4.32 -14.20
N ASP A 107 -43.83 -5.53 -14.66
CA ASP A 107 -44.49 -6.48 -13.78
C ASP A 107 -43.53 -6.88 -12.66
N ILE A 108 -44.07 -7.10 -11.47
CA ILE A 108 -43.18 -7.41 -10.34
C ILE A 108 -42.42 -8.71 -10.57
N CYS A 109 -41.16 -8.72 -10.13
CA CYS A 109 -40.32 -9.92 -10.23
C CYS A 109 -40.71 -10.89 -9.11
N THR A 110 -40.87 -12.15 -9.45
CA THR A 110 -41.02 -13.22 -8.47
C THR A 110 -39.78 -14.11 -8.55
N LEU A 111 -39.04 -14.21 -7.45
CA LEU A 111 -37.77 -14.91 -7.37
C LEU A 111 -37.73 -15.84 -6.18
N PRO A 112 -36.95 -16.92 -6.25
CA PRO A 112 -36.81 -17.81 -5.09
C PRO A 112 -36.00 -17.17 -3.98
N LYS A 113 -36.26 -17.62 -2.75
CA LYS A 113 -35.35 -17.27 -1.65
C LYS A 113 -34.00 -17.91 -1.88
N LEU A 114 -32.91 -17.17 -1.53
CA LEU A 114 -31.55 -17.71 -1.65
C LEU A 114 -31.13 -18.42 -0.36
N PRO A 115 -30.39 -19.52 -0.47
CA PRO A 115 -29.89 -20.20 0.74
C PRO A 115 -29.18 -19.22 1.67
N HIS A 116 -29.63 -19.20 2.93
CA HIS A 116 -28.97 -18.42 3.98
C HIS A 116 -29.21 -16.92 3.89
N LEU A 117 -29.33 -16.40 2.66
CA LEU A 117 -29.47 -14.96 2.47
C LEU A 117 -30.93 -14.52 2.33
N GLY A 118 -31.83 -15.46 2.05
CA GLY A 118 -33.22 -15.07 1.91
C GLY A 118 -33.41 -14.21 0.67
N CYS A 119 -34.13 -13.09 0.80
CA CYS A 119 -34.33 -12.23 -0.36
C CYS A 119 -33.12 -11.30 -0.47
N GLY A 120 -32.02 -11.88 -0.94
CA GLY A 120 -30.74 -11.20 -0.89
C GLY A 120 -30.29 -10.56 -2.18
N TYR A 121 -31.19 -10.37 -3.14
CA TYR A 121 -30.77 -9.92 -4.47
C TYR A 121 -30.14 -8.53 -4.48
N ALA A 122 -30.37 -7.73 -3.46
CA ALA A 122 -29.78 -6.39 -3.44
C ALA A 122 -28.30 -6.38 -3.07
N PHE A 123 -27.79 -7.42 -2.42
CA PHE A 123 -26.41 -7.35 -1.94
C PHE A 123 -25.54 -8.51 -2.40
N ILE A 124 -26.10 -9.48 -3.15
CA ILE A 124 -25.24 -10.57 -3.65
C ILE A 124 -24.12 -10.01 -4.54
N ASN A 125 -24.32 -8.86 -5.15
CA ASN A 125 -23.30 -8.35 -6.07
C ASN A 125 -22.00 -7.99 -5.37
N GLU A 126 -22.01 -7.90 -4.03
CA GLU A 126 -20.77 -7.59 -3.31
C GLU A 126 -19.68 -8.64 -3.59
N LYS A 127 -20.09 -9.88 -3.88
CA LYS A 127 -19.12 -10.93 -4.18
C LYS A 127 -18.26 -10.56 -5.37
N LEU A 128 -18.88 -9.93 -6.38
CA LEU A 128 -18.16 -9.51 -7.58
C LEU A 128 -17.44 -8.18 -7.38
N LYS A 129 -18.06 -7.23 -6.67
CA LYS A 129 -17.38 -5.99 -6.35
C LYS A 129 -16.08 -6.25 -5.60
N GLN A 130 -16.05 -7.32 -4.80
CA GLN A 130 -14.87 -7.59 -4.01
C GLN A 130 -13.71 -8.09 -4.85
N CYS A 131 -13.93 -8.38 -6.14
CA CYS A 131 -12.79 -8.71 -6.99
C CYS A 131 -11.80 -7.56 -7.03
N PHE A 132 -12.30 -6.32 -6.85
CA PHE A 132 -11.44 -5.15 -7.00
C PHE A 132 -11.14 -4.49 -5.66
N THR A 133 -11.10 -5.29 -4.59
CA THR A 133 -10.74 -4.86 -3.25
C THR A 133 -9.39 -5.43 -2.82
N ARG A 134 -8.58 -5.89 -3.79
CA ARG A 134 -7.27 -6.42 -3.44
C ARG A 134 -6.32 -5.31 -2.99
N PRO A 135 -5.29 -5.67 -2.20
CA PRO A 135 -4.35 -4.64 -1.77
C PRO A 135 -3.68 -3.98 -2.94
N ASP A 136 -3.54 -4.71 -4.05
CA ASP A 136 -2.84 -4.20 -5.21
C ASP A 136 -3.78 -3.70 -6.30
N THR A 137 -5.07 -3.56 -6.02
CA THR A 137 -5.95 -2.95 -7.00
C THR A 137 -5.71 -1.45 -7.02
N PRO A 138 -5.33 -0.85 -8.15
CA PRO A 138 -5.14 0.61 -8.18
C PRO A 138 -6.44 1.33 -7.90
N SER A 139 -6.35 2.41 -7.13
CA SER A 139 -7.53 3.16 -6.73
C SER A 139 -8.37 3.54 -7.96
N TYR A 140 -7.74 3.98 -9.05
CA TYR A 140 -8.52 4.44 -10.20
C TYR A 140 -9.28 3.27 -10.86
N VAL A 141 -8.76 2.04 -10.75
CA VAL A 141 -9.44 0.85 -11.25
C VAL A 141 -10.64 0.52 -10.38
N ARG A 142 -10.42 0.53 -9.07
CA ARG A 142 -11.51 0.27 -8.13
C ARG A 142 -12.64 1.25 -8.35
N LEU A 143 -12.31 2.53 -8.56
CA LEU A 143 -13.36 3.51 -8.69
C LEU A 143 -14.08 3.39 -10.02
N GLY A 144 -13.35 3.01 -11.09
CA GLY A 144 -13.97 2.82 -12.38
C GLY A 144 -14.96 1.67 -12.39
N TYR A 145 -14.57 0.52 -11.79
CA TYR A 145 -15.51 -0.60 -11.72
C TYR A 145 -16.67 -0.29 -10.78
N ARG A 146 -16.41 0.47 -9.70
CA ARG A 146 -17.51 0.81 -8.81
C ARG A 146 -18.59 1.58 -9.56
N LYS A 147 -18.18 2.53 -10.40
CA LYS A 147 -19.14 3.30 -11.17
C LYS A 147 -19.97 2.37 -12.06
N MET A 148 -19.35 1.35 -12.64
CA MET A 148 -20.11 0.40 -13.45
C MET A 148 -21.14 -0.35 -12.60
N PHE A 149 -20.69 -0.92 -11.48
CA PHE A 149 -21.58 -1.74 -10.64
C PHE A 149 -22.75 -0.90 -10.14
N GLU A 150 -22.49 0.35 -9.76
CA GLU A 150 -23.55 1.15 -9.18
C GLU A 150 -24.60 1.55 -10.21
N SER A 151 -24.28 1.46 -11.52
CA SER A 151 -25.22 1.85 -12.55
C SER A 151 -26.25 0.78 -12.82
N ILE A 152 -25.99 -0.46 -12.41
CA ILE A 152 -27.00 -1.53 -12.53
C ILE A 152 -28.21 -1.19 -11.65
N PRO A 153 -29.44 -1.41 -12.11
CA PRO A 153 -30.61 -1.08 -11.29
C PRO A 153 -30.61 -1.83 -9.96
N LYS A 154 -30.90 -1.10 -8.87
CA LYS A 154 -30.78 -1.65 -7.53
C LYS A 154 -32.06 -2.35 -7.10
N LYS A 155 -31.90 -3.53 -6.53
CA LYS A 155 -33.07 -4.36 -6.22
C LYS A 155 -33.64 -4.03 -4.84
N HIS A 156 -34.97 -4.10 -4.75
CA HIS A 156 -35.76 -3.88 -3.55
C HIS A 156 -36.75 -5.04 -3.45
N CYS A 157 -36.54 -5.91 -2.48
CA CYS A 157 -37.30 -7.16 -2.37
C CYS A 157 -38.02 -7.27 -1.04
N ILE A 158 -39.23 -7.84 -1.08
CA ILE A 158 -39.92 -8.26 0.13
C ILE A 158 -40.22 -9.74 -0.04
N GLU A 159 -40.42 -10.41 1.09
CA GLU A 159 -40.79 -11.83 1.08
C GLU A 159 -42.30 -11.99 1.20
N LYS A 160 -42.89 -12.80 0.32
CA LYS A 160 -44.32 -13.11 0.38
C LYS A 160 -44.49 -14.61 0.12
N ASP A 161 -45.06 -15.29 1.11
CA ASP A 161 -45.45 -16.70 1.05
C ASP A 161 -44.37 -17.58 0.44
N GLY A 162 -43.15 -17.43 0.96
CA GLY A 162 -42.03 -18.30 0.63
C GLY A 162 -41.29 -17.93 -0.63
N MET A 163 -41.61 -16.79 -1.22
CA MET A 163 -40.97 -16.30 -2.43
C MET A 163 -40.56 -14.85 -2.19
N CYS A 164 -39.71 -14.34 -3.09
CA CYS A 164 -39.28 -12.95 -3.07
C CYS A 164 -39.98 -12.18 -4.17
N LYS A 165 -40.48 -10.98 -3.82
CA LYS A 165 -41.12 -10.06 -4.77
C LYS A 165 -40.25 -8.83 -4.86
N CYS A 166 -39.76 -8.52 -6.07
CA CYS A 166 -38.70 -7.52 -6.22
C CYS A 166 -38.99 -6.52 -7.33
N CYS A 167 -38.59 -5.27 -7.11
CA CYS A 167 -38.68 -4.18 -8.06
C CYS A 167 -37.34 -3.44 -7.96
N CYS A 168 -36.98 -2.65 -8.97
CA CYS A 168 -35.68 -1.97 -8.97
C CYS A 168 -35.77 -0.44 -9.01
N GLY A 169 -34.69 0.17 -8.50
CA GLY A 169 -34.47 1.61 -8.68
C GLY A 169 -35.51 2.45 -7.95
N ASP A 170 -36.16 3.38 -8.67
CA ASP A 170 -37.20 4.22 -8.08
C ASP A 170 -38.49 3.46 -7.72
N TYR A 171 -38.61 2.19 -8.12
CA TYR A 171 -39.79 1.38 -7.87
C TYR A 171 -39.51 0.38 -6.75
N GLU A 172 -40.53 0.15 -5.91
CA GLU A 172 -40.48 -0.78 -4.80
C GLU A 172 -41.78 -1.58 -4.77
N PRO A 173 -41.76 -2.77 -4.18
CA PRO A 173 -43.01 -3.54 -4.10
C PRO A 173 -44.05 -2.79 -3.29
N ASN A 174 -45.31 -2.86 -3.74
CA ASN A 174 -46.39 -2.43 -2.87
C ASN A 174 -46.49 -3.38 -1.69
N GLU A 175 -47.37 -3.04 -0.76
CA GLU A 175 -47.39 -3.79 0.49
C GLU A 175 -47.72 -5.25 0.26
N SER A 176 -48.56 -5.55 -0.74
CA SER A 176 -48.98 -6.92 -1.02
C SER A 176 -48.04 -7.69 -1.94
N GLY A 177 -46.99 -7.04 -2.42
CA GLY A 177 -46.07 -7.67 -3.36
C GLY A 177 -46.73 -8.09 -4.65
N THR A 178 -47.74 -7.33 -5.10
CA THR A 178 -48.42 -7.64 -6.36
C THR A 178 -48.08 -6.68 -7.48
N GLU A 179 -47.51 -5.51 -7.17
CA GLU A 179 -47.24 -4.48 -8.15
C GLU A 179 -45.99 -3.72 -7.71
N CYS A 180 -45.29 -3.16 -8.69
CA CYS A 180 -44.20 -2.21 -8.44
C CYS A 180 -44.77 -0.81 -8.41
N ILE A 181 -44.50 -0.06 -7.34
N ILE A 181 -44.51 -0.07 -7.32
CA ILE A 181 -44.99 1.30 -7.22
CA ILE A 181 -44.99 1.30 -7.20
C ILE A 181 -43.82 2.23 -6.97
C ILE A 181 -43.80 2.23 -7.00
N LYS A 182 -44.03 3.51 -7.29
CA LYS A 182 -42.99 4.52 -7.20
C LYS A 182 -43.29 5.35 -5.97
N PRO A 183 -42.67 5.09 -4.82
CA PRO A 183 -42.93 5.93 -3.65
C PRO A 183 -42.43 7.35 -3.86
N PRO A 184 -42.88 8.30 -3.04
CA PRO A 184 -42.22 9.63 -3.04
C PRO A 184 -40.72 9.50 -2.83
N ALA A 185 -39.97 10.36 -3.50
CA ALA A 185 -38.51 10.28 -3.39
C ALA A 185 -38.08 10.31 -1.92
N HIS A 186 -37.12 9.43 -1.56
CA HIS A 186 -36.68 9.38 -0.16
C HIS A 186 -35.83 10.59 0.24
N ASP A 187 -35.22 11.29 -0.72
CA ASP A 187 -34.47 12.53 -0.45
C ASP A 187 -33.53 12.39 0.75
N CYS A 188 -32.62 11.43 0.62
CA CYS A 188 -31.75 11.08 1.71
C CYS A 188 -30.77 12.21 2.00
N PRO A 189 -30.35 12.36 3.25
CA PRO A 189 -29.38 13.38 3.59
C PRO A 189 -28.02 13.11 2.93
N ALA A 190 -27.25 14.19 2.78
CA ALA A 190 -25.97 14.06 2.10
C ALA A 190 -24.91 13.37 2.95
N TYR A 191 -24.13 12.51 2.30
CA TYR A 191 -23.00 11.89 2.98
C TYR A 191 -21.96 12.94 3.32
N GLY A 192 -21.27 12.73 4.46
CA GLY A 192 -20.09 13.50 4.78
C GLY A 192 -18.90 12.96 4.02
N PRO A 193 -17.74 13.57 4.28
CA PRO A 193 -16.52 13.11 3.63
C PRO A 193 -16.21 11.67 4.02
N PRO A 194 -15.74 10.85 3.09
CA PRO A 194 -15.30 9.48 3.48
C PRO A 194 -14.15 9.51 4.48
N SER A 195 -14.12 8.52 5.34
CA SER A 195 -12.99 8.34 6.23
C SER A 195 -11.77 8.00 5.40
N GLU A 196 -10.60 8.00 6.04
CA GLU A 196 -9.43 7.30 5.49
C GLU A 196 -9.61 5.81 5.71
N TRP A 197 -8.76 5.01 5.08
CA TRP A 197 -8.75 3.57 5.37
C TRP A 197 -8.35 3.34 6.82
N SER A 198 -9.01 2.37 7.47
CA SER A 198 -8.57 1.95 8.78
C SER A 198 -7.26 1.16 8.71
N GLU A 199 -6.72 0.85 9.86
CA GLU A 199 -5.68 -0.17 9.96
C GLU A 199 -6.27 -1.53 9.61
N CYS A 200 -5.37 -2.50 9.43
CA CYS A 200 -5.82 -3.84 9.09
C CYS A 200 -6.54 -4.42 10.29
N LEU A 201 -7.79 -4.85 10.08
CA LEU A 201 -8.62 -5.41 11.14
C LEU A 201 -8.48 -6.92 11.18
N TRP A 202 -8.66 -7.48 12.38
CA TRP A 202 -8.48 -8.92 12.53
C TRP A 202 -9.41 -9.48 13.60
N PHE A 203 -9.61 -10.79 13.53
CA PHE A 203 -10.38 -11.51 14.51
C PHE A 203 -9.75 -11.39 15.91
N PRO A 204 -10.53 -11.62 16.96
CA PRO A 204 -11.93 -12.08 16.96
C PRO A 204 -12.95 -11.10 16.37
N LEU A 205 -14.11 -11.65 16.00
CA LEU A 205 -15.15 -10.84 15.39
C LEU A 205 -15.55 -9.64 16.26
N LYS A 206 -15.60 -9.83 17.58
CA LYS A 206 -15.95 -8.70 18.44
C LYS A 206 -14.97 -7.52 18.30
N ASN A 207 -13.69 -7.81 18.01
CA ASN A 207 -12.76 -6.70 17.80
C ASN A 207 -13.04 -6.01 16.47
N ILE A 208 -13.36 -6.79 15.43
CA ILE A 208 -13.71 -6.18 14.14
C ILE A 208 -14.91 -5.25 14.30
N VAL A 209 -15.93 -5.72 15.00
CA VAL A 209 -17.15 -4.94 15.21
C VAL A 209 -16.82 -3.67 15.97
N SER A 210 -16.07 -3.79 17.06
CA SER A 210 -15.76 -2.60 17.85
C SER A 210 -14.96 -1.61 17.03
N HIS A 211 -14.09 -2.09 16.16
CA HIS A 211 -13.27 -1.18 15.36
C HIS A 211 -14.12 -0.46 14.33
N VAL A 212 -15.15 -1.11 13.82
CA VAL A 212 -16.03 -0.44 12.87
C VAL A 212 -16.80 0.68 13.58
N TYR A 213 -17.33 0.39 14.77
CA TYR A 213 -18.00 1.44 15.53
C TYR A 213 -17.08 2.62 15.78
N ASP A 214 -15.81 2.35 16.11
N ASP A 214 -15.81 2.34 16.11
CA ASP A 214 -14.91 3.44 16.44
CA ASP A 214 -14.89 3.40 16.44
C ASP A 214 -14.42 4.17 15.20
C ASP A 214 -14.46 4.17 15.19
N HIS A 215 -14.11 3.45 14.13
CA HIS A 215 -13.58 4.11 12.93
C HIS A 215 -14.64 4.92 12.23
N CYS A 216 -15.89 4.45 12.29
CA CYS A 216 -16.96 5.07 11.56
C CYS A 216 -17.77 6.00 12.43
N HIS A 217 -17.43 6.08 13.71
CA HIS A 217 -18.08 6.99 14.64
C HIS A 217 -19.60 6.77 14.70
N VAL A 218 -19.98 5.50 14.89
CA VAL A 218 -21.37 5.10 15.01
C VAL A 218 -21.57 4.33 16.31
N HIS A 219 -22.85 4.07 16.61
CA HIS A 219 -23.30 3.45 17.85
C HIS A 219 -24.03 2.14 17.59
N LYS A 220 -24.11 1.30 18.63
CA LYS A 220 -24.99 0.13 18.57
C LYS A 220 -26.39 0.61 18.97
N GLU A 221 -27.24 0.80 17.96
CA GLU A 221 -28.62 1.19 18.21
C GLU A 221 -29.29 0.13 19.09
N PRO A 222 -30.02 0.52 20.13
CA PRO A 222 -30.59 -0.50 21.03
C PRO A 222 -31.44 -1.53 20.31
N ASP A 223 -32.10 -1.13 19.24
CA ASP A 223 -32.85 -2.04 18.38
C ASP A 223 -31.99 -2.67 17.28
N GLY A 224 -30.70 -2.37 17.22
CA GLY A 224 -29.92 -2.67 16.05
C GLY A 224 -29.38 -4.08 16.01
N TYR A 225 -28.76 -4.40 14.88
CA TYR A 225 -28.18 -5.72 14.68
C TYR A 225 -26.67 -5.68 14.83
N GLU A 226 -26.11 -6.76 15.38
CA GLU A 226 -24.68 -6.94 15.58
C GLU A 226 -24.38 -8.43 15.44
N PRO A 227 -23.45 -8.83 14.56
CA PRO A 227 -23.13 -10.26 14.47
C PRO A 227 -22.35 -10.72 15.69
N HIS A 228 -22.66 -11.91 16.17
CA HIS A 228 -21.98 -12.51 17.31
C HIS A 228 -21.26 -13.76 16.87
N SER A 229 -20.10 -13.98 17.46
CA SER A 229 -19.21 -15.04 17.04
C SER A 229 -19.91 -16.37 17.15
N VAL A 230 -19.89 -17.11 16.05
CA VAL A 230 -20.35 -18.49 16.01
C VAL A 230 -19.16 -19.45 16.02
N ALA A 231 -17.94 -18.97 16.50
CA ALA A 231 -16.72 -19.72 16.70
C ALA A 231 -16.74 -20.40 18.07
N PRO A 232 -16.08 -21.55 18.21
CA PRO A 232 -16.02 -22.20 19.52
C PRO A 232 -15.42 -21.30 20.59
N ALA A 233 -15.20 -21.88 21.78
CA ALA A 233 -14.84 -21.08 22.95
C ALA A 233 -13.55 -20.31 22.72
N ASN A 234 -12.49 -21.01 22.33
CA ASN A 234 -11.14 -20.47 22.37
C ASN A 234 -10.32 -20.94 21.19
N VAL A 235 -10.91 -20.96 20.00
CA VAL A 235 -10.20 -21.45 18.84
C VAL A 235 -8.99 -20.56 18.56
N HIS A 236 -7.90 -21.18 18.13
CA HIS A 236 -6.67 -20.45 17.92
C HIS A 236 -6.81 -19.52 16.72
N ILE A 237 -6.50 -18.25 16.94
CA ILE A 237 -6.47 -17.27 15.86
C ILE A 237 -5.00 -16.99 15.54
N PRO A 238 -4.51 -17.39 14.35
CA PRO A 238 -3.11 -17.09 14.01
C PRO A 238 -2.91 -15.61 13.70
N GLU A 239 -1.66 -15.21 13.46
CA GLU A 239 -1.41 -13.87 12.95
C GLU A 239 -2.15 -13.65 11.63
N LYS A 240 -2.42 -12.37 11.35
CA LYS A 240 -3.06 -11.92 10.13
C LYS A 240 -2.48 -12.65 8.92
N CYS A 241 -3.36 -13.22 8.10
CA CYS A 241 -2.90 -14.07 7.02
C CYS A 241 -3.99 -14.22 5.97
N GLY A 242 -3.59 -14.78 4.81
CA GLY A 242 -4.54 -15.29 3.84
C GLY A 242 -5.27 -14.25 3.00
N PHE A 243 -4.80 -13.00 3.00
CA PHE A 243 -5.57 -11.85 2.53
C PHE A 243 -6.92 -11.76 3.26
N CYS A 244 -7.00 -12.28 4.48
CA CYS A 244 -8.21 -12.28 5.31
C CYS A 244 -8.33 -11.00 6.15
N SER A 245 -7.21 -10.44 6.59
CA SER A 245 -7.21 -9.12 7.24
C SER A 245 -7.56 -8.04 6.22
N PHE A 246 -8.24 -6.99 6.68
CA PHE A 246 -8.78 -5.99 5.75
C PHE A 246 -8.95 -4.67 6.46
N ARG A 247 -8.92 -3.62 5.65
CA ARG A 247 -9.23 -2.26 6.05
C ARG A 247 -10.63 -1.88 5.64
N VAL A 248 -11.21 -0.93 6.37
CA VAL A 248 -12.52 -0.38 6.04
C VAL A 248 -12.43 1.13 5.84
N LYS A 249 -13.35 1.60 4.99
CA LYS A 249 -13.56 3.02 4.74
C LYS A 249 -15.05 3.31 4.82
N CYS A 250 -15.41 4.37 5.52
CA CYS A 250 -16.80 4.66 5.91
C CYS A 250 -17.26 5.89 5.17
N MET A 251 -18.54 5.89 4.75
CA MET A 251 -19.26 7.10 4.39
C MET A 251 -20.56 7.11 5.17
N LYS A 252 -20.85 8.22 5.84
N LYS A 252 -20.85 8.23 5.83
CA LYS A 252 -21.98 8.28 6.74
CA LYS A 252 -21.97 8.31 6.76
C LYS A 252 -22.87 9.47 6.42
C LYS A 252 -22.87 9.48 6.44
N ARG A 253 -24.17 9.28 6.60
CA ARG A 253 -25.16 10.34 6.46
C ARG A 253 -26.15 10.22 7.61
N ASP A 254 -26.89 11.32 7.84
CA ASP A 254 -27.85 11.32 8.93
C ASP A 254 -28.98 10.32 8.69
N LYS A 255 -29.60 9.87 9.77
CA LYS A 255 -30.70 8.92 9.63
C LYS A 255 -31.89 9.63 9.01
N LYS A 256 -32.70 8.84 8.32
CA LYS A 256 -33.92 9.30 7.68
C LYS A 256 -34.66 8.07 7.21
N ASP A 257 -35.97 8.03 7.39
CA ASP A 257 -36.68 6.83 6.99
C ASP A 257 -36.43 6.55 5.51
N GLY A 258 -36.20 5.28 5.18
CA GLY A 258 -35.95 4.86 3.83
C GLY A 258 -34.50 4.97 3.43
N CYS A 259 -33.63 5.43 4.34
CA CYS A 259 -32.24 5.75 3.99
C CYS A 259 -31.32 5.12 5.02
N PHE A 260 -30.50 4.17 4.58
CA PHE A 260 -29.59 3.58 5.56
C PHE A 260 -28.40 4.53 5.72
N PRO A 261 -27.91 4.74 6.93
CA PRO A 261 -26.94 5.83 7.16
C PRO A 261 -25.47 5.54 6.89
N LEU A 262 -25.04 4.28 6.81
CA LEU A 262 -23.61 3.98 6.74
C LEU A 262 -23.32 3.04 5.57
N LYS A 263 -22.36 3.42 4.75
CA LYS A 263 -21.87 2.64 3.62
C LYS A 263 -20.41 2.31 3.92
N LEU A 264 -20.02 1.05 3.69
CA LEU A 264 -18.66 0.62 4.00
C LEU A 264 -17.97 0.07 2.77
N GLY A 265 -16.69 0.44 2.60
CA GLY A 265 -15.84 -0.18 1.58
C GLY A 265 -14.75 -0.96 2.27
N LYS A 266 -14.22 -1.96 1.57
CA LYS A 266 -13.18 -2.82 2.12
C LYS A 266 -11.98 -2.87 1.21
N LYS A 267 -10.82 -3.12 1.84
CA LYS A 267 -9.59 -3.33 1.11
C LYS A 267 -8.78 -4.37 1.86
N SER A 268 -8.51 -5.53 1.21
CA SER A 268 -7.78 -6.60 1.88
C SER A 268 -6.33 -6.18 2.13
N CYS A 269 -5.73 -6.81 3.13
CA CYS A 269 -4.33 -6.53 3.45
C CYS A 269 -3.45 -7.65 2.94
N GLY A 270 -2.36 -7.28 2.29
CA GLY A 270 -1.35 -8.24 1.85
C GLY A 270 0.04 -7.97 2.38
N LYS A 271 1.02 -8.50 1.64
CA LYS A 271 2.38 -8.53 2.16
C LYS A 271 2.99 -7.13 2.34
N ASP A 272 2.43 -6.10 1.71
CA ASP A 272 2.96 -4.75 1.95
C ASP A 272 2.23 -4.07 3.09
N ASP A 273 1.20 -4.71 3.65
CA ASP A 273 0.42 -4.16 4.78
C ASP A 273 0.85 -4.76 6.11
N CYS A 274 1.09 -6.06 6.17
CA CYS A 274 1.76 -6.65 7.34
C CYS A 274 2.56 -7.86 6.88
N PRO A 275 3.58 -8.25 7.61
CA PRO A 275 4.55 -9.19 6.99
C PRO A 275 3.96 -10.58 6.71
N THR A 276 2.97 -11.03 7.48
CA THR A 276 2.32 -12.33 7.26
C THR A 276 0.98 -12.23 6.52
N CYS A 277 0.52 -11.00 6.22
CA CYS A 277 -0.87 -10.80 5.78
C CYS A 277 -1.20 -11.52 4.48
N GLY A 278 -0.20 -11.67 3.60
CA GLY A 278 -0.35 -12.29 2.31
C GLY A 278 0.05 -13.75 2.23
N ASP A 279 0.52 -14.33 3.32
CA ASP A 279 0.84 -15.74 3.37
C ASP A 279 -0.41 -16.56 3.63
N ILE A 280 -0.41 -17.82 3.14
CA ILE A 280 -1.58 -18.64 3.38
C ILE A 280 -1.75 -18.88 4.89
N CYS A 281 -3.01 -18.97 5.32
CA CYS A 281 -3.33 -19.26 6.71
C CYS A 281 -3.18 -20.75 6.96
N THR A 282 -2.57 -21.11 8.11
CA THR A 282 -2.54 -22.52 8.57
C THR A 282 -3.36 -22.65 9.84
N LEU A 283 -4.47 -23.41 9.77
CA LEU A 283 -5.37 -23.68 10.89
C LEU A 283 -5.46 -25.17 11.19
N ASP A 284 -5.74 -25.49 12.46
CA ASP A 284 -6.10 -26.87 12.81
C ASP A 284 -7.48 -27.24 12.28
N LYS A 285 -7.65 -28.54 12.02
CA LYS A 285 -8.95 -29.06 11.61
C LYS A 285 -9.91 -28.98 12.78
N ILE A 286 -11.19 -28.87 12.47
CA ILE A 286 -12.26 -28.97 13.46
C ILE A 286 -13.19 -30.09 13.05
N ASN A 287 -13.44 -31.04 13.96
CA ASN A 287 -14.25 -32.22 13.65
C ASN A 287 -13.71 -32.96 12.43
N GLY A 288 -12.39 -32.97 12.30
CA GLY A 288 -11.70 -33.72 11.25
C GLY A 288 -11.88 -33.19 9.86
N SER A 289 -12.17 -31.89 9.73
N SER A 289 -12.17 -31.89 9.73
CA SER A 289 -12.41 -31.31 8.42
CA SER A 289 -12.46 -31.28 8.44
C SER A 289 -12.03 -29.82 8.41
C SER A 289 -12.03 -29.82 8.41
N CYS A 290 -12.00 -29.27 7.20
CA CYS A 290 -11.70 -27.87 6.98
C CYS A 290 -12.95 -27.12 6.58
N ALA A 291 -14.11 -27.70 6.85
CA ALA A 291 -15.36 -27.07 6.49
C ALA A 291 -15.79 -25.99 7.47
N PHE A 292 -15.20 -25.89 8.66
CA PHE A 292 -15.82 -25.06 9.68
C PHE A 292 -15.92 -23.58 9.30
N PRO A 293 -15.03 -23.01 8.48
CA PRO A 293 -15.26 -21.60 8.09
C PRO A 293 -16.58 -21.41 7.35
N ARG A 294 -16.89 -22.27 6.38
CA ARG A 294 -18.14 -22.12 5.65
C ARG A 294 -19.34 -22.31 6.59
N VAL A 295 -19.28 -23.34 7.43
CA VAL A 295 -20.36 -23.59 8.38
C VAL A 295 -20.60 -22.36 9.24
N MET A 296 -19.52 -21.72 9.71
CA MET A 296 -19.67 -20.54 10.54
C MET A 296 -20.31 -19.39 9.76
N LYS A 297 -19.88 -19.22 8.51
CA LYS A 297 -20.49 -18.20 7.65
C LYS A 297 -21.98 -18.44 7.47
N GLU A 298 -22.37 -19.70 7.23
CA GLU A 298 -23.77 -20.01 7.04
C GLU A 298 -24.56 -19.67 8.31
N LYS A 299 -23.95 -19.94 9.47
CA LYS A 299 -24.62 -19.66 10.73
C LYS A 299 -24.83 -18.16 10.90
N ILE A 300 -23.79 -17.37 10.64
CA ILE A 300 -23.92 -15.92 10.80
C ILE A 300 -25.04 -15.37 9.90
N TRP A 301 -25.13 -15.83 8.65
CA TRP A 301 -26.18 -15.36 7.75
C TRP A 301 -27.54 -15.90 8.15
N ASP A 302 -27.63 -17.17 8.57
CA ASP A 302 -28.92 -17.67 9.03
C ASP A 302 -29.41 -16.80 10.19
N ASP A 303 -28.51 -16.47 11.13
CA ASP A 303 -28.90 -15.67 12.29
C ASP A 303 -29.30 -14.25 11.88
N PHE A 304 -28.55 -13.65 10.95
CA PHE A 304 -28.92 -12.31 10.48
C PHE A 304 -30.29 -12.33 9.80
N THR A 305 -30.51 -13.30 8.91
CA THR A 305 -31.78 -13.33 8.17
C THR A 305 -32.97 -13.50 9.13
N ALA A 306 -32.82 -14.43 10.09
CA ALA A 306 -33.84 -14.58 11.13
C ALA A 306 -34.01 -13.30 11.96
N THR A 307 -32.91 -12.63 12.33
CA THR A 307 -33.03 -11.38 13.10
C THR A 307 -33.70 -10.29 12.29
N SER A 308 -33.45 -10.23 10.98
CA SER A 308 -34.05 -9.17 10.16
C SER A 308 -35.55 -9.31 10.16
N LYS A 309 -36.06 -10.53 10.25
CA LYS A 309 -37.51 -10.72 10.36
C LYS A 309 -38.01 -10.50 11.79
N GLU A 310 -37.27 -10.97 12.80
CA GLU A 310 -37.73 -10.75 14.18
C GLU A 310 -37.87 -9.27 14.49
N LYS A 311 -36.98 -8.44 13.97
CA LYS A 311 -36.95 -7.01 14.27
C LYS A 311 -37.73 -6.19 13.25
N HIS A 312 -38.47 -6.87 12.36
CA HIS A 312 -39.32 -6.22 11.37
C HIS A 312 -38.57 -5.20 10.53
N MET A 313 -37.42 -5.61 9.98
CA MET A 313 -36.62 -4.66 9.23
C MET A 313 -37.21 -4.43 7.85
N PRO A 314 -37.44 -3.19 7.46
CA PRO A 314 -37.77 -2.92 6.06
C PRO A 314 -36.60 -3.23 5.16
N HIS A 315 -36.91 -3.40 3.87
CA HIS A 315 -35.87 -3.89 2.94
C HIS A 315 -34.65 -2.96 2.93
N TRP A 316 -34.84 -1.65 3.07
CA TRP A 316 -33.70 -0.72 2.96
C TRP A 316 -32.75 -0.86 4.15
N LYS A 317 -33.31 -1.22 5.30
CA LYS A 317 -32.51 -1.40 6.49
C LYS A 317 -31.83 -2.76 6.48
N ARG A 318 -32.59 -3.82 6.14
CA ARG A 318 -31.98 -5.14 5.95
C ARG A 318 -30.81 -5.08 4.96
N ASP A 319 -31.02 -4.43 3.81
CA ASP A 319 -29.99 -4.36 2.79
C ASP A 319 -28.76 -3.61 3.30
N GLY A 320 -28.99 -2.53 4.04
CA GLY A 320 -27.86 -1.77 4.54
C GLY A 320 -26.99 -2.57 5.47
N TYR A 321 -27.59 -3.30 6.42
CA TYR A 321 -26.81 -4.18 7.28
C TYR A 321 -26.16 -5.28 6.47
N ALA A 322 -26.89 -5.86 5.51
CA ALA A 322 -26.37 -7.01 4.80
C ALA A 322 -25.14 -6.62 3.98
N LYS A 323 -25.15 -5.42 3.37
CA LYS A 323 -23.98 -4.99 2.59
C LYS A 323 -22.74 -4.91 3.46
N MET A 324 -22.88 -4.49 4.72
N MET A 324 -22.88 -4.51 4.72
CA MET A 324 -21.75 -4.49 5.64
CA MET A 324 -21.72 -4.51 5.61
C MET A 324 -21.33 -5.92 5.99
C MET A 324 -21.31 -5.93 6.00
N LEU A 325 -22.31 -6.79 6.28
CA LEU A 325 -22.00 -8.18 6.63
C LEU A 325 -21.28 -8.89 5.49
N MET A 326 -21.61 -8.55 4.24
CA MET A 326 -20.88 -9.14 3.12
C MET A 326 -19.39 -8.83 3.14
N GLN A 327 -18.96 -7.83 3.91
CA GLN A 327 -17.55 -7.45 3.93
C GLN A 327 -16.74 -8.31 4.88
N LEU A 328 -17.38 -9.17 5.67
CA LEU A 328 -16.61 -10.06 6.53
C LEU A 328 -15.72 -10.97 5.70
N PRO A 329 -14.59 -11.40 6.23
CA PRO A 329 -13.74 -12.35 5.51
C PRO A 329 -14.46 -13.67 5.24
N TYR A 330 -14.34 -14.16 4.01
CA TYR A 330 -14.95 -15.40 3.56
C TYR A 330 -13.84 -16.33 3.07
N SER A 331 -13.67 -17.45 3.74
CA SER A 331 -12.52 -18.31 3.51
C SER A 331 -12.86 -19.47 2.57
N ASN A 332 -11.83 -19.91 1.85
CA ASN A 332 -11.81 -21.21 1.20
C ASN A 332 -10.55 -21.91 1.70
N CYS A 333 -10.67 -23.19 2.04
CA CYS A 333 -9.54 -23.94 2.56
C CYS A 333 -9.32 -25.22 1.78
N LYS A 334 -8.05 -25.61 1.68
CA LYS A 334 -7.65 -26.95 1.26
C LYS A 334 -7.08 -27.68 2.45
N GLU A 335 -7.45 -28.96 2.59
CA GLU A 335 -6.87 -29.80 3.62
C GLU A 335 -5.52 -30.32 3.13
N VAL A 336 -4.44 -30.04 3.86
CA VAL A 336 -3.10 -30.46 3.46
C VAL A 336 -2.49 -31.14 4.67
N GLY A 337 -2.25 -32.45 4.55
CA GLY A 337 -1.82 -33.19 5.71
C GLY A 337 -2.82 -33.07 6.84
N ASP A 338 -2.33 -32.74 8.02
N ASP A 338 -2.31 -32.73 8.02
CA ASP A 338 -3.17 -32.59 9.19
CA ASP A 338 -3.13 -32.57 9.21
C ASP A 338 -3.68 -31.15 9.39
C ASP A 338 -3.62 -31.14 9.41
N LYS A 339 -3.50 -30.29 8.40
CA LYS A 339 -3.83 -28.87 8.59
C LYS A 339 -4.79 -28.37 7.53
N CYS A 340 -5.38 -27.20 7.80
CA CYS A 340 -6.23 -26.51 6.85
C CYS A 340 -5.47 -25.30 6.34
N LYS A 341 -5.37 -25.13 5.02
CA LYS A 341 -4.65 -24.01 4.40
C LYS A 341 -5.68 -23.11 3.74
N CYS A 342 -5.80 -21.86 4.23
CA CYS A 342 -6.99 -21.06 3.93
C CYS A 342 -6.61 -19.68 3.40
N CYS A 343 -7.43 -19.22 2.47
CA CYS A 343 -7.36 -17.87 1.92
C CYS A 343 -8.75 -17.24 1.85
N CYS A 344 -8.82 -15.91 1.87
CA CYS A 344 -10.14 -15.26 1.81
C CYS A 344 -10.43 -14.61 0.45
N HIS A 345 -11.68 -14.67 0.07
CA HIS A 345 -12.17 -14.05 -1.15
C HIS A 345 -11.65 -12.61 -1.23
N PRO A 346 -11.15 -12.16 -2.40
CA PRO A 346 -11.22 -12.82 -3.73
C PRO A 346 -10.04 -13.77 -4.04
N TYR A 347 -9.35 -14.22 -3.01
CA TYR A 347 -8.26 -15.19 -3.15
C TYR A 347 -8.73 -16.59 -2.77
N GLU A 348 -7.98 -17.59 -3.24
CA GLU A 348 -8.23 -18.98 -2.90
C GLU A 348 -6.88 -19.70 -2.81
N PRO A 349 -6.82 -20.83 -2.11
CA PRO A 349 -5.54 -21.56 -2.09
C PRO A 349 -5.17 -22.01 -3.50
N ASN A 350 -3.87 -21.99 -3.80
CA ASN A 350 -3.34 -22.64 -4.98
C ASN A 350 -3.45 -24.18 -4.82
N LYS A 351 -2.98 -24.90 -5.84
CA LYS A 351 -3.28 -26.32 -5.99
C LYS A 351 -2.66 -27.15 -4.88
N ASP A 352 -1.44 -26.81 -4.45
CA ASP A 352 -0.82 -27.55 -3.37
C ASP A 352 -0.99 -26.91 -2.01
N GLY A 353 -1.83 -25.88 -1.89
CA GLY A 353 -2.09 -25.32 -0.58
C GLY A 353 -0.91 -24.60 0.03
N THR A 354 -0.03 -24.02 -0.79
CA THR A 354 1.16 -23.35 -0.28
C THR A 354 1.09 -21.84 -0.39
N ALA A 355 0.14 -21.31 -1.17
CA ALA A 355 0.05 -19.88 -1.39
C ALA A 355 -1.36 -19.52 -1.82
N CYS A 356 -1.64 -18.22 -1.79
CA CYS A 356 -2.94 -17.66 -2.15
C CYS A 356 -2.88 -17.02 -3.53
N VAL A 357 -3.90 -17.31 -4.35
CA VAL A 357 -3.96 -16.81 -5.71
C VAL A 357 -5.34 -16.23 -5.95
N VAL A 358 -5.42 -15.28 -6.90
CA VAL A 358 -6.70 -14.61 -7.18
C VAL A 358 -7.60 -15.58 -7.91
N LYS A 359 -8.87 -15.64 -7.51
CA LYS A 359 -9.84 -16.44 -8.24
C LYS A 359 -9.94 -16.01 -9.70
N GLU A 360 -10.13 -16.98 -10.60
CA GLU A 360 -9.97 -16.69 -12.02
C GLU A 360 -10.95 -15.61 -12.49
N TYR A 361 -12.19 -15.67 -12.02
CA TYR A 361 -13.17 -14.71 -12.53
C TYR A 361 -12.94 -13.31 -11.97
N CYS A 362 -12.06 -13.16 -10.97
CA CYS A 362 -11.75 -11.85 -10.42
C CYS A 362 -10.53 -11.19 -11.05
N LYS A 363 -9.76 -11.93 -11.84
CA LYS A 363 -8.50 -11.40 -12.34
C LYS A 363 -8.74 -10.18 -13.21
N ARG A 364 -7.81 -9.22 -13.13
N ARG A 364 -7.81 -9.22 -13.14
CA ARG A 364 -7.82 -8.11 -14.07
CA ARG A 364 -7.84 -8.11 -14.08
C ARG A 364 -7.71 -8.65 -15.49
C ARG A 364 -7.69 -8.63 -15.49
N VAL A 365 -8.26 -7.90 -16.44
CA VAL A 365 -8.34 -8.40 -17.82
C VAL A 365 -6.97 -8.84 -18.31
N HIS A 366 -5.92 -8.09 -18.00
CA HIS A 366 -4.58 -8.43 -18.47
C HIS A 366 -3.99 -9.64 -17.75
N GLU A 367 -4.47 -9.97 -16.56
CA GLU A 367 -4.00 -11.16 -15.86
C GLU A 367 -4.66 -12.44 -16.37
N LEU A 368 -5.81 -12.35 -17.05
CA LEU A 368 -6.52 -13.53 -17.53
C LEU A 368 -5.62 -14.36 -18.44
N LYS B 21 8.10 -10.29 -20.07
CA LYS B 21 7.77 -9.10 -19.27
C LYS B 21 8.10 -7.82 -20.04
N CYS B 22 9.34 -7.37 -19.89
CA CYS B 22 9.74 -6.09 -20.42
C CYS B 22 10.59 -6.26 -21.67
N PRO B 23 10.50 -5.32 -22.62
CA PRO B 23 11.40 -5.37 -23.78
C PRO B 23 12.85 -5.18 -23.36
N ASP B 24 13.75 -5.62 -24.22
CA ASP B 24 15.15 -5.41 -23.94
C ASP B 24 15.49 -3.92 -24.04
N PHE B 25 16.56 -3.54 -23.36
CA PHE B 25 17.08 -2.20 -23.57
C PHE B 25 17.66 -2.09 -24.98
N GLY B 26 17.80 -0.84 -25.42
CA GLY B 26 18.39 -0.55 -26.71
C GLY B 26 19.91 -0.55 -26.66
N ASP B 27 20.51 -0.08 -27.76
CA ASP B 27 21.96 -0.01 -27.86
C ASP B 27 22.52 0.99 -26.86
N TRP B 28 23.77 0.76 -26.46
CA TRP B 28 24.43 1.66 -25.53
C TRP B 28 24.70 3.02 -26.18
N LYS B 29 24.43 4.07 -25.43
CA LYS B 29 24.83 5.43 -25.81
C LYS B 29 26.30 5.64 -25.45
N PRO B 30 26.90 6.78 -25.87
CA PRO B 30 28.35 6.94 -25.71
C PRO B 30 28.76 7.09 -24.25
N TRP B 31 29.94 6.55 -23.97
CA TRP B 31 30.55 6.77 -22.68
C TRP B 31 30.81 8.26 -22.48
N THR B 32 30.56 8.73 -21.26
CA THR B 32 30.99 10.07 -20.87
C THR B 32 32.52 10.14 -20.68
N ASP B 33 33.03 11.35 -20.49
CA ASP B 33 34.38 11.46 -19.94
C ASP B 33 34.35 11.19 -18.45
N CYS B 34 35.50 11.28 -17.79
CA CYS B 34 35.54 11.03 -16.35
C CYS B 34 34.71 12.08 -15.62
N LEU B 35 33.77 11.64 -14.79
CA LEU B 35 32.85 12.55 -14.13
C LEU B 35 33.32 12.91 -12.72
N TRP B 36 32.85 14.05 -12.24
CA TRP B 36 33.26 14.50 -10.91
C TRP B 36 32.20 15.44 -10.34
N TYR B 37 32.43 15.83 -9.09
CA TYR B 37 31.54 16.68 -8.31
C TYR B 37 31.75 18.13 -8.71
N PRO B 38 30.90 19.06 -8.22
CA PRO B 38 29.85 18.88 -7.21
C PRO B 38 28.67 17.98 -7.65
N PRO B 39 27.81 17.60 -6.70
CA PRO B 39 26.74 16.66 -7.05
C PRO B 39 25.84 17.15 -8.17
N GLN B 40 25.46 18.44 -8.20
CA GLN B 40 24.59 18.89 -9.27
C GLN B 40 25.24 18.68 -10.63
N HIS B 41 26.57 18.87 -10.70
CA HIS B 41 27.24 18.73 -11.98
C HIS B 41 27.28 17.27 -12.41
N MET B 42 27.59 16.38 -11.46
CA MET B 42 27.62 14.95 -11.79
C MET B 42 26.24 14.47 -12.24
N TYR B 43 25.21 14.85 -11.50
CA TYR B 43 23.85 14.46 -11.84
C TYR B 43 23.48 14.93 -13.25
N SER B 44 23.82 16.17 -13.58
CA SER B 44 23.44 16.67 -14.89
C SER B 44 24.19 15.93 -16.01
N LYS B 45 25.44 15.55 -15.78
CA LYS B 45 26.15 14.78 -16.80
C LYS B 45 25.59 13.36 -16.92
N LEU B 46 25.20 12.74 -15.79
CA LEU B 46 24.56 11.43 -15.87
C LEU B 46 23.22 11.51 -16.59
N SER B 47 22.43 12.53 -16.28
CA SER B 47 21.15 12.74 -16.95
C SER B 47 21.34 12.89 -18.46
N HIS B 48 22.29 13.72 -18.88
CA HIS B 48 22.49 13.92 -20.31
C HIS B 48 22.99 12.66 -20.98
N ALA B 49 23.81 11.88 -20.28
CA ALA B 49 24.28 10.63 -20.86
C ALA B 49 23.12 9.69 -21.18
N CYS B 50 22.03 9.80 -20.43
CA CYS B 50 20.82 9.01 -20.69
C CYS B 50 19.88 9.71 -21.66
N GLY B 51 20.28 10.85 -22.22
CA GLY B 51 19.40 11.56 -23.12
C GLY B 51 18.26 12.30 -22.45
N MET B 52 18.48 12.81 -21.24
CA MET B 52 17.42 13.50 -20.51
C MET B 52 17.91 14.84 -19.98
N HIS B 53 17.01 15.83 -19.99
CA HIS B 53 17.28 17.11 -19.37
C HIS B 53 17.42 16.93 -17.86
N ALA B 54 18.26 17.75 -17.26
CA ALA B 54 18.53 17.68 -15.83
C ALA B 54 17.59 18.64 -15.12
N HIS B 55 16.43 18.13 -14.71
CA HIS B 55 15.39 18.99 -14.18
C HIS B 55 15.40 19.11 -12.67
N ARG B 56 16.12 18.25 -11.96
CA ARG B 56 16.25 18.42 -10.53
C ARG B 56 17.29 19.49 -10.21
N ASN B 57 17.12 20.13 -9.07
CA ASN B 57 18.08 21.10 -8.54
C ASN B 57 18.62 20.50 -7.24
N LEU B 58 19.81 19.90 -7.31
CA LEU B 58 20.42 19.30 -6.14
C LEU B 58 21.34 20.25 -5.39
N THR B 59 21.53 21.47 -5.89
CA THR B 59 22.38 22.43 -5.19
C THR B 59 21.91 22.62 -3.75
N GLY B 60 22.83 22.47 -2.81
CA GLY B 60 22.52 22.62 -1.40
C GLY B 60 21.98 21.39 -0.73
N VAL B 61 21.72 20.31 -1.47
CA VAL B 61 21.19 19.11 -0.83
C VAL B 61 22.31 18.26 -0.24
N MET B 62 23.42 18.11 -0.96
CA MET B 62 24.50 17.23 -0.54
C MET B 62 25.87 17.86 -0.78
N ASP B 63 25.97 19.17 -0.62
CA ASP B 63 27.20 19.89 -0.89
C ASP B 63 28.11 19.88 0.33
N LEU B 64 29.38 20.15 0.08
CA LEU B 64 30.33 20.26 1.18
C LEU B 64 29.94 21.44 2.05
N PRO B 65 30.28 21.41 3.35
CA PRO B 65 29.93 22.52 4.23
C PRO B 65 30.48 23.85 3.70
N HIS B 66 29.74 24.93 3.96
CA HIS B 66 30.08 26.24 3.44
C HIS B 66 31.55 26.55 3.67
N GLY B 67 32.19 27.12 2.65
CA GLY B 67 33.57 27.54 2.75
C GLY B 67 34.59 26.53 2.29
N HIS B 68 34.17 25.34 1.85
CA HIS B 68 35.10 24.28 1.48
C HIS B 68 35.05 24.06 -0.01
N LYS B 69 36.22 23.99 -0.62
CA LYS B 69 36.33 23.78 -2.05
C LYS B 69 36.28 22.29 -2.37
N THR B 70 35.79 21.96 -3.56
CA THR B 70 35.77 20.59 -4.04
C THR B 70 37.18 20.20 -4.48
N PRO B 71 37.79 19.16 -3.92
CA PRO B 71 39.13 18.73 -4.38
C PRO B 71 39.03 18.17 -5.78
N PRO B 72 40.14 18.12 -6.51
CA PRO B 72 40.10 17.57 -7.87
C PRO B 72 39.87 16.07 -7.86
N PRO B 73 39.59 15.46 -9.01
CA PRO B 73 39.33 14.02 -9.06
C PRO B 73 40.41 13.21 -8.34
N CYS B 74 39.96 12.24 -7.54
CA CYS B 74 40.86 11.56 -6.62
C CYS B 74 40.26 10.22 -6.21
N GLY B 75 41.09 9.43 -5.55
CA GLY B 75 40.63 8.30 -4.76
C GLY B 75 40.13 7.10 -5.49
N HIS B 76 40.33 7.00 -6.79
CA HIS B 76 39.59 6.02 -7.61
C HIS B 76 38.06 6.24 -7.51
N CYS B 77 37.66 7.49 -7.29
CA CYS B 77 36.26 7.86 -7.13
C CYS B 77 35.63 8.51 -8.37
N SER B 78 36.43 8.91 -9.34
CA SER B 78 35.95 9.46 -10.60
C SER B 78 35.69 8.30 -11.56
N PHE B 79 34.74 8.48 -12.47
CA PHE B 79 34.30 7.35 -13.28
C PHE B 79 33.66 7.85 -14.57
N LYS B 80 33.65 6.97 -15.57
CA LYS B 80 32.84 7.16 -16.76
C LYS B 80 31.53 6.40 -16.65
N PHE B 81 30.54 6.88 -17.41
CA PHE B 81 29.19 6.35 -17.32
C PHE B 81 28.65 6.22 -18.73
N ARG B 82 27.80 5.23 -18.94
CA ARG B 82 27.01 5.12 -20.17
C ARG B 82 25.65 4.52 -19.84
N CYS B 83 24.72 4.69 -20.77
CA CYS B 83 23.31 4.48 -20.47
C CYS B 83 22.65 3.88 -21.70
N ARG B 84 21.57 3.13 -21.45
CA ARG B 84 20.72 2.62 -22.51
C ARG B 84 19.28 2.70 -22.01
N ARG B 85 18.33 2.58 -22.94
CA ARG B 85 16.95 2.94 -22.65
C ARG B 85 15.94 1.98 -23.27
N ARG B 86 14.72 2.06 -22.74
CA ARG B 86 13.55 1.41 -23.30
C ARG B 86 12.31 2.18 -22.85
N PRO B 87 11.13 1.87 -23.40
CA PRO B 87 9.91 2.53 -22.92
C PRO B 87 9.63 2.24 -21.45
N ASN B 88 9.08 3.24 -20.77
CA ASN B 88 8.70 3.13 -19.36
C ASN B 88 7.27 2.60 -19.28
N THR B 89 7.12 1.32 -18.98
CA THR B 89 5.84 0.72 -18.72
C THR B 89 5.88 0.06 -17.35
N GLU B 90 4.70 -0.25 -16.82
CA GLU B 90 4.59 -0.81 -15.48
C GLU B 90 5.50 -2.02 -15.33
N GLY B 91 6.33 -1.99 -14.28
CA GLY B 91 7.29 -3.02 -14.05
C GLY B 91 8.54 -2.94 -14.91
N CYS B 92 8.64 -1.96 -15.80
CA CYS B 92 9.77 -1.87 -16.72
C CYS B 92 10.45 -0.52 -16.53
N TYR B 93 11.46 -0.49 -15.69
CA TYR B 93 12.24 0.71 -15.52
C TYR B 93 12.91 1.07 -16.85
N PRO B 94 12.87 2.34 -17.26
CA PRO B 94 13.30 2.66 -18.64
C PRO B 94 14.80 2.80 -18.87
N LEU B 95 15.62 2.93 -17.83
CA LEU B 95 17.03 3.22 -18.02
C LEU B 95 17.89 2.12 -17.42
N ASP B 96 19.13 2.04 -17.92
CA ASP B 96 20.09 1.06 -17.47
C ASP B 96 21.48 1.65 -17.70
N GLY B 97 22.32 1.55 -16.67
CA GLY B 97 23.64 2.19 -16.73
C GLY B 97 24.82 1.26 -16.55
N GLU B 98 26.01 1.73 -16.92
N GLU B 98 26.00 1.74 -16.92
CA GLU B 98 27.26 1.03 -16.68
CA GLU B 98 27.27 1.05 -16.72
C GLU B 98 28.28 2.07 -16.23
C GLU B 98 28.28 2.07 -16.22
N VAL B 99 29.16 1.66 -15.31
CA VAL B 99 30.18 2.55 -14.73
C VAL B 99 31.54 1.91 -14.88
N GLU B 100 32.52 2.72 -15.25
N GLU B 100 32.52 2.70 -15.29
CA GLU B 100 33.92 2.29 -15.36
CA GLU B 100 33.92 2.27 -15.35
C GLU B 100 34.77 3.31 -14.60
C GLU B 100 34.75 3.30 -14.59
N VAL B 101 35.50 2.84 -13.59
CA VAL B 101 36.32 3.76 -12.79
C VAL B 101 37.50 4.33 -13.59
N CYS B 102 37.80 5.61 -13.35
CA CYS B 102 38.98 6.27 -13.91
C CYS B 102 40.11 6.14 -12.91
N HIS B 103 40.91 5.08 -13.08
CA HIS B 103 41.96 4.84 -12.10
C HIS B 103 43.15 5.75 -12.22
N ASP B 104 43.20 6.62 -13.26
CA ASP B 104 44.26 7.61 -13.32
C ASP B 104 44.18 8.59 -12.16
N HIS B 105 42.97 8.85 -11.64
CA HIS B 105 42.80 9.82 -10.56
C HIS B 105 42.84 9.04 -9.25
N SER B 106 44.07 8.73 -8.82
CA SER B 106 44.29 7.71 -7.81
C SER B 106 44.79 8.23 -6.47
N ASP B 107 45.21 9.48 -6.39
CA ASP B 107 45.74 9.96 -5.13
C ASP B 107 44.61 10.06 -4.14
N ILE B 108 44.92 9.83 -2.87
CA ILE B 108 43.89 9.78 -1.84
C ILE B 108 43.12 11.11 -1.81
N CYS B 109 41.80 11.02 -1.60
CA CYS B 109 40.97 12.20 -1.47
C CYS B 109 41.11 12.78 -0.07
N THR B 110 41.21 14.11 0.02
CA THR B 110 41.21 14.81 1.29
C THR B 110 39.95 15.66 1.32
N LEU B 111 39.07 15.39 2.26
CA LEU B 111 37.78 16.06 2.37
C LEU B 111 37.56 16.55 3.79
N PRO B 112 36.71 17.55 3.97
CA PRO B 112 36.46 18.04 5.34
C PRO B 112 35.55 17.09 6.07
N LYS B 113 35.64 17.12 7.40
CA LYS B 113 34.60 16.50 8.20
C LYS B 113 33.26 17.22 8.00
N LEU B 114 32.16 16.43 7.92
CA LEU B 114 30.84 17.03 7.80
C LEU B 114 30.24 17.31 9.18
N PRO B 115 29.52 18.42 9.36
CA PRO B 115 28.82 18.62 10.62
C PRO B 115 27.97 17.41 10.95
N HIS B 116 28.10 16.95 12.19
CA HIS B 116 27.33 15.86 12.79
C HIS B 116 27.68 14.47 12.26
N LEU B 117 27.96 14.36 10.97
CA LEU B 117 28.20 13.06 10.38
C LEU B 117 29.67 12.66 10.27
N GLY B 118 30.59 13.58 10.55
CA GLY B 118 32.00 13.28 10.46
C GLY B 118 32.36 12.93 9.03
N CYS B 119 33.12 11.84 8.87
CA CYS B 119 33.54 11.34 7.55
C CYS B 119 32.40 10.47 7.01
N GLY B 120 31.33 11.15 6.58
CA GLY B 120 30.08 10.46 6.24
C GLY B 120 29.80 10.27 4.76
N TYR B 121 30.85 10.43 3.94
CA TYR B 121 30.68 10.36 2.48
C TYR B 121 30.14 9.03 1.97
N ALA B 122 30.28 7.95 2.71
CA ALA B 122 29.75 6.65 2.29
C ALA B 122 28.23 6.54 2.42
N PHE B 123 27.60 7.37 3.24
CA PHE B 123 26.19 7.17 3.52
C PHE B 123 25.35 8.42 3.37
N ILE B 124 25.96 9.54 2.98
CA ILE B 124 25.16 10.73 2.75
C ILE B 124 24.18 10.53 1.58
N ASN B 125 24.47 9.60 0.65
CA ASN B 125 23.54 9.36 -0.46
C ASN B 125 22.17 8.85 0.00
N GLU B 126 22.04 8.37 1.23
CA GLU B 126 20.74 7.86 1.66
C GLU B 126 19.67 8.94 1.59
N LYS B 127 20.06 10.21 1.74
CA LYS B 127 19.12 11.31 1.63
C LYS B 127 18.44 11.32 0.25
N LEU B 128 19.22 11.14 -0.81
CA LEU B 128 18.64 11.12 -2.14
C LEU B 128 17.93 9.80 -2.42
N LYS B 129 18.47 8.67 -1.93
CA LYS B 129 17.78 7.40 -2.11
C LYS B 129 16.37 7.44 -1.53
N GLN B 130 16.20 8.16 -0.43
CA GLN B 130 14.92 8.23 0.25
C GLN B 130 13.87 8.99 -0.52
N CYS B 131 14.28 9.72 -1.56
CA CYS B 131 13.28 10.29 -2.46
C CYS B 131 12.32 9.22 -2.99
N PHE B 132 12.80 7.98 -3.12
CA PHE B 132 12.02 6.89 -3.70
C PHE B 132 11.58 5.85 -2.68
N THR B 133 11.37 6.29 -1.45
CA THR B 133 10.82 5.45 -0.38
C THR B 133 9.44 5.93 0.07
N ARG B 134 8.74 6.66 -0.79
CA ARG B 134 7.39 7.09 -0.53
C ARG B 134 6.44 5.88 -0.53
N PRO B 135 5.32 5.99 0.19
CA PRO B 135 4.35 4.90 0.17
C PRO B 135 3.83 4.64 -1.20
N ASP B 136 3.86 5.63 -2.10
CA ASP B 136 3.31 5.49 -3.44
C ASP B 136 4.39 5.31 -4.50
N THR B 137 5.66 5.08 -4.11
CA THR B 137 6.69 4.82 -5.10
C THR B 137 6.55 3.39 -5.64
N PRO B 138 6.31 3.19 -6.93
CA PRO B 138 6.27 1.81 -7.44
C PRO B 138 7.57 1.08 -7.15
N SER B 139 7.44 -0.20 -6.82
CA SER B 139 8.60 -1.01 -6.49
C SER B 139 9.61 -1.03 -7.64
N TYR B 140 9.15 -1.09 -8.89
CA TYR B 140 10.09 -1.20 -10.00
C TYR B 140 10.86 0.11 -10.20
N VAL B 141 10.27 1.24 -9.80
CA VAL B 141 10.96 2.52 -9.84
C VAL B 141 12.03 2.61 -8.74
N ARG B 142 11.65 2.30 -7.51
CA ARG B 142 12.61 2.21 -6.42
C ARG B 142 13.81 1.36 -6.81
N LEU B 143 13.59 0.17 -7.39
CA LEU B 143 14.71 -0.72 -7.63
C LEU B 143 15.54 -0.24 -8.81
N GLY B 144 14.91 0.39 -9.80
CA GLY B 144 15.65 0.97 -10.89
C GLY B 144 16.58 2.06 -10.41
N TYR B 145 16.08 2.94 -9.54
CA TYR B 145 16.96 4.00 -9.06
C TYR B 145 18.03 3.45 -8.14
N ARG B 146 17.72 2.38 -7.39
CA ARG B 146 18.70 1.80 -6.47
C ARG B 146 19.92 1.31 -7.24
N LYS B 147 19.68 0.63 -8.37
CA LYS B 147 20.77 0.14 -9.20
C LYS B 147 21.63 1.29 -9.70
N MET B 148 21.01 2.42 -10.04
CA MET B 148 21.77 3.60 -10.43
C MET B 148 22.63 4.10 -9.27
N PHE B 149 22.02 4.26 -8.08
CA PHE B 149 22.77 4.79 -6.94
C PHE B 149 23.91 3.85 -6.55
N GLU B 150 23.66 2.54 -6.58
N GLU B 150 23.67 2.55 -6.58
CA GLU B 150 24.65 1.58 -6.16
CA GLU B 150 24.69 1.62 -6.13
C GLU B 150 25.84 1.51 -7.13
C GLU B 150 25.81 1.44 -7.15
N SER B 151 25.66 1.95 -8.37
CA SER B 151 26.76 1.89 -9.34
C SER B 151 27.79 3.01 -9.14
N ILE B 152 27.43 4.05 -8.40
CA ILE B 152 28.40 5.11 -8.07
C ILE B 152 29.51 4.52 -7.22
N PRO B 153 30.79 4.85 -7.46
CA PRO B 153 31.87 4.24 -6.66
C PRO B 153 31.66 4.52 -5.18
N LYS B 154 31.82 3.46 -4.35
CA LYS B 154 31.49 3.55 -2.93
C LYS B 154 32.67 4.07 -2.11
N LYS B 155 32.40 5.06 -1.24
CA LYS B 155 33.47 5.72 -0.50
C LYS B 155 33.87 4.93 0.75
N HIS B 156 35.18 4.97 1.04
CA HIS B 156 35.75 4.36 2.24
C HIS B 156 36.67 5.40 2.87
N CYS B 157 36.30 5.88 4.06
CA CYS B 157 37.02 7.02 4.64
C CYS B 157 37.59 6.75 6.03
N ILE B 158 38.75 7.33 6.31
CA ILE B 158 39.29 7.36 7.66
C ILE B 158 39.54 8.82 8.00
N GLU B 159 39.66 9.08 9.30
CA GLU B 159 39.98 10.42 9.74
C GLU B 159 41.47 10.52 10.06
N LYS B 160 42.11 11.59 9.58
CA LYS B 160 43.53 11.84 9.83
C LYS B 160 43.76 13.34 9.71
N ASP B 161 44.54 13.88 10.64
CA ASP B 161 44.95 15.30 10.62
C ASP B 161 43.74 16.22 10.53
N GLY B 162 42.69 15.87 11.24
CA GLY B 162 41.52 16.72 11.27
C GLY B 162 40.71 16.74 10.00
N MET B 163 40.99 15.83 9.08
CA MET B 163 40.24 15.75 7.82
C MET B 163 39.81 14.32 7.56
N CYS B 164 39.12 14.14 6.46
CA CYS B 164 38.73 12.82 5.97
C CYS B 164 39.61 12.40 4.79
N LYS B 165 40.11 11.17 4.82
CA LYS B 165 40.94 10.62 3.76
C LYS B 165 40.19 9.44 3.15
N CYS B 166 39.84 9.55 1.87
N CYS B 166 39.90 9.53 1.85
CA CYS B 166 38.86 8.63 1.27
CA CYS B 166 38.90 8.65 1.25
C CYS B 166 39.36 8.04 -0.03
C CYS B 166 39.42 8.03 -0.04
N CYS B 167 39.07 6.76 -0.22
CA CYS B 167 39.25 6.05 -1.48
C CYS B 167 37.94 5.33 -1.80
N CYS B 168 37.80 4.88 -3.05
CA CYS B 168 36.55 4.24 -3.45
C CYS B 168 36.74 2.82 -3.96
N GLY B 169 35.64 2.05 -3.84
CA GLY B 169 35.53 0.79 -4.55
C GLY B 169 36.40 -0.27 -3.91
N ASP B 170 37.23 -0.91 -4.75
CA ASP B 170 38.20 -1.91 -4.31
C ASP B 170 39.36 -1.29 -3.54
N TYR B 171 39.46 0.04 -3.53
CA TYR B 171 40.57 0.74 -2.91
C TYR B 171 40.13 1.33 -1.57
N GLU B 172 41.02 1.28 -0.59
CA GLU B 172 40.77 1.82 0.74
C GLU B 172 42.00 2.55 1.24
N PRO B 173 41.83 3.49 2.15
CA PRO B 173 43.02 4.20 2.68
C PRO B 173 43.96 3.21 3.37
N ASN B 174 45.27 3.46 3.27
CA ASN B 174 46.21 2.81 4.15
C ASN B 174 46.08 3.39 5.56
N GLU B 175 46.75 2.76 6.52
CA GLU B 175 46.57 3.12 7.93
C GLU B 175 46.89 4.59 8.20
N SER B 176 47.89 5.12 7.49
CA SER B 176 48.34 6.49 7.71
C SER B 176 47.55 7.52 6.92
N GLY B 177 46.64 7.07 6.05
CA GLY B 177 45.82 7.97 5.26
C GLY B 177 46.57 8.74 4.20
N THR B 178 47.62 8.14 3.63
CA THR B 178 48.44 8.82 2.64
C THR B 178 48.33 8.25 1.23
N GLU B 179 47.81 7.04 1.08
CA GLU B 179 47.68 6.41 -0.22
C GLU B 179 46.46 5.50 -0.22
N CYS B 180 45.92 5.27 -1.41
CA CYS B 180 44.86 4.29 -1.61
C CYS B 180 45.47 2.95 -1.98
N ILE B 181 45.08 1.89 -1.25
CA ILE B 181 45.61 0.54 -1.46
C ILE B 181 44.45 -0.42 -1.71
N LYS B 182 44.73 -1.52 -2.40
CA LYS B 182 43.69 -2.48 -2.70
C LYS B 182 43.87 -3.67 -1.77
N PRO B 183 43.09 -3.84 -0.71
CA PRO B 183 43.30 -4.99 0.16
C PRO B 183 42.82 -6.27 -0.50
N PRO B 184 43.18 -7.41 0.06
CA PRO B 184 42.54 -8.66 -0.38
C PRO B 184 41.03 -8.56 -0.28
N ALA B 185 40.34 -9.18 -1.22
CA ALA B 185 38.88 -9.09 -1.25
C ALA B 185 38.29 -9.59 0.06
N HIS B 186 37.26 -8.88 0.55
CA HIS B 186 36.61 -9.23 1.81
C HIS B 186 35.81 -10.52 1.71
N ASP B 187 35.40 -10.92 0.49
CA ASP B 187 34.66 -12.15 0.24
C ASP B 187 33.54 -12.39 1.26
N CYS B 188 32.59 -11.47 1.27
CA CYS B 188 31.58 -11.44 2.32
C CYS B 188 30.58 -12.57 2.13
N PRO B 189 29.99 -13.06 3.22
CA PRO B 189 29.00 -14.14 3.12
C PRO B 189 27.77 -13.69 2.34
N ALA B 190 27.06 -14.67 1.78
CA ALA B 190 25.89 -14.33 0.97
C ALA B 190 24.74 -13.85 1.85
N TYR B 191 24.04 -12.82 1.39
CA TYR B 191 22.79 -12.43 2.04
C TYR B 191 21.72 -13.51 1.89
N GLY B 192 20.87 -13.62 2.90
CA GLY B 192 19.66 -14.39 2.75
C GLY B 192 18.60 -13.63 1.99
N PRO B 193 17.43 -14.25 1.83
CA PRO B 193 16.34 -13.53 1.19
C PRO B 193 15.91 -12.33 2.01
N PRO B 194 15.43 -11.28 1.35
CA PRO B 194 14.94 -10.13 2.12
C PRO B 194 13.73 -10.52 2.95
N SER B 195 13.57 -9.82 4.08
CA SER B 195 12.34 -9.89 4.84
C SER B 195 11.20 -9.26 4.05
N GLU B 196 10.00 -9.48 4.52
CA GLU B 196 8.88 -8.67 4.12
C GLU B 196 9.00 -7.28 4.78
N TRP B 197 8.22 -6.31 4.27
CA TRP B 197 8.11 -5.04 4.97
C TRP B 197 7.52 -5.26 6.37
N SER B 198 8.07 -4.57 7.36
CA SER B 198 7.48 -4.55 8.70
C SER B 198 6.16 -3.76 8.70
N GLU B 199 5.41 -3.90 9.78
CA GLU B 199 4.39 -2.90 10.12
C GLU B 199 5.01 -1.50 10.27
N CYS B 200 4.13 -0.49 10.32
CA CYS B 200 4.58 0.89 10.48
C CYS B 200 5.12 1.07 11.88
N LEU B 201 6.38 1.53 11.97
CA LEU B 201 7.08 1.73 13.22
C LEU B 201 6.89 3.17 13.72
N TRP B 202 6.97 3.34 15.05
CA TRP B 202 6.71 4.64 15.64
C TRP B 202 7.47 4.80 16.95
N PHE B 203 7.64 6.08 17.29
CA PHE B 203 8.23 6.49 18.54
C PHE B 203 7.45 5.91 19.74
N PRO B 204 8.11 5.76 20.89
CA PRO B 204 9.48 6.21 21.15
C PRO B 204 10.63 5.44 20.48
N LEU B 205 11.80 6.09 20.46
CA LEU B 205 12.91 5.51 19.72
C LEU B 205 13.22 4.09 20.19
N LYS B 206 13.14 3.84 21.50
CA LYS B 206 13.46 2.50 22.00
C LYS B 206 12.54 1.42 21.40
N ASN B 207 11.29 1.78 21.07
CA ASN B 207 10.37 0.87 20.39
C ASN B 207 10.80 0.61 18.96
N ILE B 208 11.25 1.64 18.24
CA ILE B 208 11.79 1.43 16.89
C ILE B 208 12.96 0.47 16.92
N VAL B 209 13.91 0.70 17.81
CA VAL B 209 15.08 -0.16 17.91
C VAL B 209 14.65 -1.60 18.20
N SER B 210 13.77 -1.79 19.18
CA SER B 210 13.38 -3.17 19.53
C SER B 210 12.73 -3.87 18.34
N HIS B 211 11.93 -3.14 17.58
CA HIS B 211 11.27 -3.72 16.40
C HIS B 211 12.28 -4.11 15.34
N VAL B 212 13.36 -3.34 15.18
CA VAL B 212 14.39 -3.69 14.21
C VAL B 212 15.08 -4.99 14.62
N TYR B 213 15.44 -5.14 15.90
CA TYR B 213 16.03 -6.40 16.35
C TYR B 213 15.09 -7.57 16.08
N ASP B 214 13.80 -7.38 16.38
CA ASP B 214 12.85 -8.48 16.26
C ASP B 214 12.57 -8.79 14.80
N HIS B 215 12.32 -7.77 14.00
CA HIS B 215 11.96 -7.99 12.60
C HIS B 215 13.13 -8.56 11.81
N CYS B 216 14.35 -8.15 12.13
CA CYS B 216 15.52 -8.59 11.36
C CYS B 216 16.26 -9.74 12.00
N HIS B 217 15.80 -10.23 13.14
CA HIS B 217 16.35 -11.42 13.80
C HIS B 217 17.83 -11.23 14.11
N VAL B 218 18.15 -10.08 14.69
CA VAL B 218 19.51 -9.74 15.08
C VAL B 218 19.58 -9.48 16.58
N HIS B 219 20.82 -9.47 17.08
CA HIS B 219 21.17 -9.31 18.49
C HIS B 219 21.91 -7.98 18.71
N LYS B 220 21.75 -7.40 19.89
CA LYS B 220 22.62 -6.29 20.27
C LYS B 220 23.96 -6.89 20.67
N GLU B 221 24.99 -6.73 19.84
CA GLU B 221 26.34 -7.12 20.21
C GLU B 221 26.70 -6.46 21.54
N PRO B 222 27.34 -7.19 22.46
CA PRO B 222 27.73 -6.56 23.74
C PRO B 222 28.61 -5.34 23.53
N ASP B 223 29.44 -5.36 22.49
CA ASP B 223 30.29 -4.23 22.11
C ASP B 223 29.56 -3.18 21.29
N GLY B 224 28.28 -3.39 20.97
CA GLY B 224 27.68 -2.75 19.81
C GLY B 224 27.17 -1.36 20.08
N TYR B 225 26.62 -0.78 19.02
CA TYR B 225 26.10 0.57 19.09
C TYR B 225 24.58 0.50 18.99
N GLU B 226 23.92 1.39 19.75
CA GLU B 226 22.52 1.54 19.72
C GLU B 226 22.20 2.99 20.05
N PRO B 227 21.32 3.66 19.28
CA PRO B 227 20.97 5.05 19.59
C PRO B 227 20.02 5.15 20.76
N HIS B 228 20.17 6.20 21.53
CA HIS B 228 19.33 6.43 22.70
C HIS B 228 18.70 7.80 22.60
N SER B 229 17.49 7.90 23.13
CA SER B 229 16.71 9.12 22.97
C SER B 229 17.48 10.29 23.51
N VAL B 230 17.41 11.41 22.77
CA VAL B 230 18.00 12.68 23.19
C VAL B 230 16.83 13.66 23.27
N ALA B 231 15.66 13.13 23.66
CA ALA B 231 14.41 13.86 23.59
C ALA B 231 14.23 14.75 24.82
N PRO B 232 13.85 16.02 24.65
CA PRO B 232 13.43 16.80 25.82
C PRO B 232 12.45 16.00 26.65
N ALA B 233 12.77 15.85 27.93
CA ALA B 233 11.84 15.22 28.85
C ALA B 233 10.48 15.86 28.66
N ASN B 234 9.46 15.03 28.44
CA ASN B 234 8.05 15.44 28.56
C ASN B 234 7.30 15.55 27.24
N VAL B 235 7.99 15.39 26.10
CA VAL B 235 7.36 15.76 24.82
C VAL B 235 6.26 14.75 24.48
N HIS B 236 5.06 15.26 24.20
CA HIS B 236 3.95 14.38 23.85
C HIS B 236 4.18 13.77 22.46
N ILE B 237 4.07 12.45 22.38
CA ILE B 237 4.17 11.73 21.11
C ILE B 237 2.76 11.60 20.53
N PRO B 238 2.42 12.26 19.43
CA PRO B 238 1.08 12.10 18.86
C PRO B 238 1.02 10.80 18.08
N GLU B 239 -0.19 10.49 17.60
CA GLU B 239 -0.39 9.33 16.74
C GLU B 239 0.44 9.47 15.47
N LYS B 240 0.80 8.35 14.89
CA LYS B 240 1.53 8.32 13.62
C LYS B 240 1.07 9.40 12.63
N CYS B 241 2.04 10.15 12.10
CA CYS B 241 1.71 11.33 11.30
C CYS B 241 2.90 11.75 10.46
N GLY B 242 2.65 12.65 9.52
CA GLY B 242 3.68 13.44 8.87
C GLY B 242 4.52 12.69 7.87
N PHE B 243 4.08 11.50 7.43
CA PHE B 243 4.90 10.55 6.70
C PHE B 243 6.16 10.19 7.51
N CYS B 244 6.09 10.31 8.83
CA CYS B 244 7.21 10.04 9.71
C CYS B 244 7.25 8.58 10.16
N SER B 245 6.08 7.94 10.26
N SER B 245 6.11 7.92 10.30
CA SER B 245 6.03 6.50 10.49
CA SER B 245 6.11 6.49 10.56
C SER B 245 6.57 5.77 9.27
C SER B 245 6.54 5.75 9.30
N PHE B 246 7.17 4.59 9.50
CA PHE B 246 7.81 3.92 8.37
C PHE B 246 7.94 2.43 8.62
N ARG B 247 8.07 1.70 7.51
CA ARG B 247 8.34 0.27 7.51
C ARG B 247 9.80 0.02 7.17
N VAL B 248 10.33 -1.12 7.62
CA VAL B 248 11.68 -1.54 7.32
C VAL B 248 11.66 -2.91 6.64
N LYS B 249 12.61 -3.09 5.73
CA LYS B 249 12.92 -4.40 5.10
C LYS B 249 14.40 -4.68 5.35
N CYS B 250 14.71 -5.90 5.72
CA CYS B 250 16.05 -6.33 6.13
C CYS B 250 16.64 -7.29 5.12
N MET B 251 17.96 -7.24 4.96
CA MET B 251 18.72 -8.27 4.26
C MET B 251 19.92 -8.53 5.15
N LYS B 252 20.11 -9.80 5.54
CA LYS B 252 21.10 -10.16 6.55
C LYS B 252 22.07 -11.20 6.01
N ARG B 253 23.32 -11.08 6.42
CA ARG B 253 24.33 -12.08 6.11
C ARG B 253 25.14 -12.38 7.37
N ASP B 254 25.87 -13.50 7.35
CA ASP B 254 26.63 -13.85 8.54
C ASP B 254 27.73 -12.83 8.81
N LYS B 255 28.11 -12.72 10.08
CA LYS B 255 29.26 -11.90 10.47
C LYS B 255 30.55 -12.39 9.84
N LYS B 256 31.38 -11.42 9.48
CA LYS B 256 32.73 -11.72 8.99
C LYS B 256 33.53 -10.43 9.07
N ASP B 257 34.80 -10.52 9.46
CA ASP B 257 35.59 -9.30 9.56
C ASP B 257 35.61 -8.60 8.23
N GLY B 258 35.36 -7.28 8.25
CA GLY B 258 35.33 -6.50 7.03
C GLY B 258 33.98 -6.40 6.35
N CYS B 259 32.95 -7.05 6.90
CA CYS B 259 31.62 -7.20 6.29
C CYS B 259 30.55 -6.85 7.32
N PHE B 260 29.81 -5.76 7.09
CA PHE B 260 28.73 -5.45 8.00
C PHE B 260 27.54 -6.35 7.70
N PRO B 261 26.87 -6.91 8.72
CA PRO B 261 25.93 -8.00 8.43
C PRO B 261 24.51 -7.67 8.05
N LEU B 262 24.06 -6.42 8.24
CA LEU B 262 22.64 -6.11 8.12
C LEU B 262 22.51 -4.85 7.29
N LYS B 263 21.72 -4.95 6.23
CA LYS B 263 21.30 -3.82 5.39
C LYS B 263 19.79 -3.59 5.51
N LEU B 264 19.38 -2.33 5.69
CA LEU B 264 17.97 -2.02 5.88
C LEU B 264 17.48 -1.09 4.78
N GLY B 265 16.22 -1.30 4.38
CA GLY B 265 15.55 -0.41 3.48
C GLY B 265 14.34 0.14 4.20
N LYS B 266 13.82 1.28 3.80
CA LYS B 266 12.65 1.85 4.48
C LYS B 266 11.60 2.26 3.45
N LYS B 267 10.38 2.32 3.94
CA LYS B 267 9.24 2.78 3.16
C LYS B 267 8.33 3.59 4.08
N SER B 268 8.15 4.88 3.76
CA SER B 268 7.27 5.71 4.58
C SER B 268 5.83 5.23 4.53
N CYS B 269 5.11 5.49 5.61
CA CYS B 269 3.68 5.18 5.74
C CYS B 269 2.81 6.42 5.53
N GLY B 270 1.82 6.29 4.66
CA GLY B 270 0.90 7.38 4.38
C GLY B 270 -0.54 7.00 4.67
N LYS B 271 -1.49 7.73 4.07
CA LYS B 271 -2.90 7.61 4.43
C LYS B 271 -3.51 6.26 4.11
N ASP B 272 -2.87 5.45 3.26
CA ASP B 272 -3.35 4.10 3.00
C ASP B 272 -2.72 3.07 3.92
N ASP B 273 -1.80 3.48 4.78
CA ASP B 273 -1.16 2.61 5.75
C ASP B 273 -1.75 2.76 7.14
N CYS B 274 -2.06 3.99 7.57
CA CYS B 274 -2.80 4.19 8.80
C CYS B 274 -3.55 5.51 8.66
N PRO B 275 -4.70 5.65 9.28
CA PRO B 275 -5.56 6.78 8.90
C PRO B 275 -4.97 8.15 9.16
N THR B 276 -4.07 8.31 10.13
CA THR B 276 -3.46 9.61 10.40
C THR B 276 -2.06 9.75 9.79
N CYS B 277 -1.52 8.69 9.22
CA CYS B 277 -0.10 8.59 8.89
C CYS B 277 0.34 9.64 7.89
N GLY B 278 -0.58 10.07 7.03
CA GLY B 278 -0.25 11.08 6.02
C GLY B 278 -0.69 12.49 6.32
N ASP B 279 -1.26 12.73 7.49
CA ASP B 279 -1.67 14.06 7.92
C ASP B 279 -0.47 14.77 8.58
N ILE B 280 -0.40 16.10 8.47
CA ILE B 280 0.71 16.80 9.10
C ILE B 280 0.70 16.55 10.60
N CYS B 281 1.89 16.43 11.18
CA CYS B 281 1.98 16.31 12.63
C CYS B 281 1.79 17.67 13.31
N THR B 282 1.08 17.67 14.43
CA THR B 282 0.95 18.88 15.27
C THR B 282 1.58 18.60 16.61
N LEU B 283 2.62 19.37 16.94
CA LEU B 283 3.34 19.25 18.20
C LEU B 283 3.30 20.57 18.95
N ASP B 284 3.42 20.48 20.27
CA ASP B 284 3.63 21.65 21.09
C ASP B 284 5.04 22.20 20.91
N LYS B 285 5.19 23.49 21.14
CA LYS B 285 6.52 24.09 21.06
C LYS B 285 7.32 23.72 22.32
N ILE B 286 8.63 23.77 22.19
CA ILE B 286 9.55 23.65 23.32
C ILE B 286 10.44 24.90 23.31
N ASN B 287 10.45 25.62 24.42
CA ASN B 287 11.16 26.91 24.49
C ASN B 287 10.66 27.90 23.45
N GLY B 288 9.37 27.89 23.20
CA GLY B 288 8.85 28.80 22.17
C GLY B 288 9.46 28.60 20.81
N SER B 289 9.90 27.38 20.46
CA SER B 289 10.34 27.17 19.10
C SER B 289 10.05 25.74 18.69
N CYS B 290 10.20 25.50 17.39
CA CYS B 290 9.99 24.21 16.78
C CYS B 290 11.30 23.60 16.34
N ALA B 291 12.41 24.05 16.93
CA ALA B 291 13.70 23.54 16.53
C ALA B 291 14.03 22.18 17.14
N PHE B 292 13.32 21.77 18.18
CA PHE B 292 13.79 20.63 18.95
C PHE B 292 13.90 19.32 18.15
N PRO B 293 13.00 18.98 17.20
CA PRO B 293 13.22 17.72 16.48
C PRO B 293 14.53 17.71 15.73
N ARG B 294 14.91 18.84 15.14
CA ARG B 294 16.18 18.91 14.43
C ARG B 294 17.37 18.84 15.39
N VAL B 295 17.28 19.53 16.54
CA VAL B 295 18.34 19.43 17.54
C VAL B 295 18.47 18.00 18.05
N MET B 296 17.35 17.29 18.23
CA MET B 296 17.45 15.92 18.72
C MET B 296 18.20 15.04 17.73
N LYS B 297 17.88 15.19 16.44
CA LYS B 297 18.57 14.40 15.41
C LYS B 297 20.06 14.72 15.38
N GLU B 298 20.41 16.01 15.44
CA GLU B 298 21.81 16.41 15.43
C GLU B 298 22.54 15.79 16.61
N LYS B 299 21.86 15.69 17.76
CA LYS B 299 22.53 15.16 18.93
C LYS B 299 22.76 13.66 18.76
N ILE B 300 21.80 12.96 18.17
CA ILE B 300 21.99 11.53 17.98
C ILE B 300 23.20 11.29 17.07
N TRP B 301 23.32 12.08 16.00
CA TRP B 301 24.46 11.92 15.08
C TRP B 301 25.76 12.36 15.73
N ASP B 302 25.77 13.57 16.35
CA ASP B 302 27.01 14.02 17.02
C ASP B 302 27.53 12.90 17.92
N ASP B 303 26.61 12.25 18.65
N ASP B 303 26.62 12.26 18.67
CA ASP B 303 27.01 11.24 19.64
CA ASP B 303 27.03 11.25 19.63
C ASP B 303 27.45 9.96 18.97
C ASP B 303 27.50 9.99 18.93
N PHE B 304 26.79 9.56 17.89
CA PHE B 304 27.23 8.39 17.17
C PHE B 304 28.62 8.59 16.61
N THR B 305 28.86 9.76 16.01
CA THR B 305 30.16 10.05 15.42
C THR B 305 31.25 10.01 16.49
N ALA B 306 31.00 10.64 17.64
CA ALA B 306 31.93 10.55 18.75
C ALA B 306 32.16 9.13 19.21
N THR B 307 31.09 8.34 19.31
CA THR B 307 31.24 6.96 19.75
C THR B 307 32.07 6.16 18.76
N SER B 308 31.88 6.42 17.47
CA SER B 308 32.58 5.63 16.46
C SER B 308 34.08 5.85 16.58
N LYS B 309 34.47 7.06 16.98
CA LYS B 309 35.87 7.39 17.20
C LYS B 309 36.40 6.79 18.51
N GLU B 310 35.64 6.95 19.58
CA GLU B 310 36.07 6.44 20.87
C GLU B 310 36.31 4.94 20.81
N LYS B 311 35.45 4.23 20.07
CA LYS B 311 35.50 2.77 20.00
C LYS B 311 36.38 2.28 18.87
N HIS B 312 37.05 3.17 18.15
CA HIS B 312 37.94 2.77 17.05
C HIS B 312 37.21 1.88 16.04
N MET B 313 36.00 2.26 15.68
CA MET B 313 35.28 1.47 14.71
C MET B 313 35.99 1.55 13.36
N PRO B 314 36.22 0.42 12.69
CA PRO B 314 36.69 0.49 11.29
C PRO B 314 35.62 1.07 10.38
N HIS B 315 36.06 1.63 9.24
CA HIS B 315 35.09 2.34 8.42
C HIS B 315 33.95 1.43 7.98
N TRP B 316 34.19 0.13 7.79
CA TRP B 316 33.10 -0.73 7.30
C TRP B 316 32.00 -0.90 8.35
N LYS B 317 32.37 -0.85 9.63
CA LYS B 317 31.41 -1.00 10.73
C LYS B 317 30.65 0.30 11.00
N ARG B 318 31.39 1.40 11.08
CA ARG B 318 30.78 2.74 11.16
C ARG B 318 29.80 2.96 10.04
N ASP B 319 30.18 2.61 8.80
CA ASP B 319 29.31 2.87 7.65
C ASP B 319 28.05 2.03 7.75
N GLY B 320 28.20 0.77 8.19
CA GLY B 320 27.01 -0.11 8.27
C GLY B 320 26.01 0.43 9.29
N TYR B 321 26.49 0.86 10.46
CA TYR B 321 25.59 1.44 11.46
C TYR B 321 25.00 2.75 10.96
N ALA B 322 25.85 3.58 10.32
CA ALA B 322 25.38 4.90 9.86
C ALA B 322 24.27 4.77 8.81
N LYS B 323 24.40 3.80 7.88
CA LYS B 323 23.35 3.60 6.88
C LYS B 323 22.01 3.29 7.54
N MET B 324 22.04 2.52 8.63
CA MET B 324 20.78 2.28 9.37
C MET B 324 20.27 3.54 10.05
N LEU B 325 21.16 4.27 10.75
CA LEU B 325 20.74 5.49 11.45
C LEU B 325 20.16 6.50 10.48
N MET B 326 20.63 6.49 9.22
CA MET B 326 20.07 7.39 8.22
C MET B 326 18.60 7.10 7.96
N GLN B 327 18.10 5.90 8.32
CA GLN B 327 16.70 5.60 8.08
C GLN B 327 15.75 6.21 9.13
N LEU B 328 16.26 6.75 10.23
CA LEU B 328 15.36 7.34 11.21
C LEU B 328 14.60 8.53 10.62
N PRO B 329 13.42 8.80 11.15
CA PRO B 329 12.63 9.94 10.66
C PRO B 329 13.38 11.25 10.85
N TYR B 330 13.35 12.10 9.82
CA TYR B 330 14.03 13.39 9.85
C TYR B 330 13.01 14.49 9.58
N SER B 331 12.73 15.33 10.56
CA SER B 331 11.60 16.22 10.41
C SER B 331 11.98 17.60 9.89
N ASN B 332 11.01 18.22 9.25
CA ASN B 332 11.04 19.65 8.93
C ASN B 332 9.74 20.22 9.51
N CYS B 333 9.84 21.30 10.26
CA CYS B 333 8.68 21.87 10.94
C CYS B 333 8.49 23.33 10.58
N LYS B 334 7.24 23.75 10.53
CA LYS B 334 6.87 25.17 10.47
C LYS B 334 6.15 25.53 11.75
N GLU B 335 6.44 26.69 12.31
CA GLU B 335 5.72 27.17 13.46
C GLU B 335 4.47 27.90 12.97
N VAL B 336 3.29 27.45 13.39
CA VAL B 336 2.03 28.02 12.92
C VAL B 336 1.21 28.33 14.17
N GLY B 337 0.99 29.62 14.43
CA GLY B 337 0.33 29.95 15.66
C GLY B 337 1.15 29.50 16.84
N ASP B 338 0.52 28.81 17.79
CA ASP B 338 1.24 28.30 18.95
C ASP B 338 1.63 26.82 18.82
N LYS B 339 1.69 26.31 17.58
CA LYS B 339 2.02 24.88 17.40
C LYS B 339 3.13 24.71 16.38
N CYS B 340 3.76 23.54 16.41
CA CYS B 340 4.68 23.12 15.37
C CYS B 340 3.98 22.18 14.41
N LYS B 341 4.15 22.42 13.12
CA LYS B 341 3.56 21.57 12.08
C LYS B 341 4.68 20.89 11.33
N CYS B 342 4.75 19.53 11.41
CA CYS B 342 5.98 18.82 11.05
C CYS B 342 5.69 17.67 10.09
N CYS B 343 6.58 17.49 9.11
CA CYS B 343 6.55 16.37 8.17
C CYS B 343 7.97 15.79 8.10
N CYS B 344 8.11 14.52 7.67
CA CYS B 344 9.44 13.93 7.58
C CYS B 344 9.88 13.71 6.14
N HIS B 345 11.19 13.84 5.95
CA HIS B 345 11.83 13.61 4.67
C HIS B 345 11.37 12.28 4.07
N PRO B 346 11.03 12.23 2.77
CA PRO B 346 11.20 13.22 1.71
C PRO B 346 10.08 14.24 1.58
N TYR B 347 9.23 14.36 2.59
CA TYR B 347 8.16 15.35 2.60
C TYR B 347 8.56 16.56 3.44
N GLU B 348 7.82 17.66 3.27
CA GLU B 348 8.02 18.91 4.00
C GLU B 348 6.66 19.58 4.14
N PRO B 349 6.48 20.45 5.13
CA PRO B 349 5.21 21.19 5.24
C PRO B 349 4.98 22.05 4.02
N ASN B 350 3.70 22.15 3.63
CA ASN B 350 3.35 23.12 2.60
C ASN B 350 3.40 24.54 3.20
N LYS B 351 3.07 25.52 2.38
CA LYS B 351 3.43 26.88 2.77
C LYS B 351 2.64 27.37 3.97
N ASP B 352 1.41 26.93 4.17
CA ASP B 352 0.68 27.36 5.36
C ASP B 352 0.71 26.31 6.47
N GLY B 353 1.51 25.26 6.33
CA GLY B 353 1.60 24.30 7.39
C GLY B 353 0.34 23.51 7.61
N THR B 354 -0.44 23.23 6.55
CA THR B 354 -1.64 22.43 6.70
C THR B 354 -1.49 21.02 6.15
N ALA B 355 -0.46 20.75 5.38
CA ALA B 355 -0.35 19.45 4.74
C ALA B 355 1.12 19.19 4.42
N CYS B 356 1.44 17.92 4.16
CA CYS B 356 2.79 17.52 3.77
C CYS B 356 2.86 17.33 2.25
N VAL B 357 3.94 17.81 1.65
CA VAL B 357 4.17 17.75 0.21
C VAL B 357 5.58 17.20 -0.05
N VAL B 358 5.77 16.62 -1.22
CA VAL B 358 7.08 16.06 -1.54
C VAL B 358 8.05 17.19 -1.85
N LYS B 359 9.25 17.11 -1.28
CA LYS B 359 10.32 18.03 -1.64
C LYS B 359 10.52 18.04 -3.15
N GLU B 360 10.76 19.23 -3.70
CA GLU B 360 10.78 19.40 -5.15
C GLU B 360 11.81 18.50 -5.81
N TYR B 361 13.03 18.44 -5.24
CA TYR B 361 14.08 17.66 -5.87
C TYR B 361 13.86 16.15 -5.75
N CYS B 362 12.86 15.68 -5.01
CA CYS B 362 12.55 14.27 -4.94
C CYS B 362 11.41 13.86 -5.85
N LYS B 363 10.69 14.79 -6.48
CA LYS B 363 9.53 14.42 -7.27
C LYS B 363 9.92 13.51 -8.42
N ARG B 364 8.99 12.60 -8.75
CA ARG B 364 9.09 11.85 -9.99
C ARG B 364 9.21 12.81 -11.15
N VAL B 365 9.86 12.37 -12.22
CA VAL B 365 10.08 13.24 -13.37
C VAL B 365 8.75 13.88 -13.82
N HIS B 366 7.72 13.05 -13.97
CA HIS B 366 6.44 13.54 -14.48
C HIS B 366 5.73 14.46 -13.50
N GLU B 367 6.16 14.50 -12.24
CA GLU B 367 5.56 15.39 -11.25
C GLU B 367 6.19 16.77 -11.36
#